data_7DTG
#
_entry.id   7DTG
#
_cell.length_a   144.647
_cell.length_b   160.751
_cell.length_c   132.805
_cell.angle_alpha   90.000
_cell.angle_beta   90.000
_cell.angle_gamma   90.000
#
_symmetry.space_group_name_H-M   'C 2 2 21'
#
_entity_poly.entity_id   1
_entity_poly.type   'polypeptide(L)'
_entity_poly.pdbx_seq_one_letter_code
;GARSVRTTRGKRKRVDVEESEASSSVSISHSASATGNVCIEEIDVDGKFIRLKNTSEQDQPMGGWEMIRKIGDTSVSYKY
TSRYVLKAGQTVTIWAANAGVTASPPTDLIWKNQNSWGTGEDVKVILKNSQGEEVAQRSTVFKTTIPEE
;
_entity_poly.pdbx_strand_id   A,B,C,D,F,E
#
# COMPACT_ATOMS: atom_id res chain seq x y z
N SER A 27 17.79 -25.34 0.20
CA SER A 27 17.14 -24.10 -0.26
C SER A 27 15.62 -24.23 -0.26
N ILE A 28 15.10 -24.92 -1.28
CA ILE A 28 13.66 -25.05 -1.44
C ILE A 28 13.09 -25.91 -0.30
N SER A 29 11.89 -25.53 0.16
CA SER A 29 11.21 -26.25 1.23
C SER A 29 9.73 -26.28 0.93
N HIS A 30 9.11 -27.45 1.07
CA HIS A 30 7.70 -27.64 0.77
C HIS A 30 6.96 -28.13 2.01
N SER A 31 5.70 -27.72 2.10
CA SER A 31 4.80 -28.15 3.17
C SER A 31 3.39 -28.29 2.60
N ALA A 32 2.62 -29.21 3.16
CA ALA A 32 1.28 -29.46 2.66
C ALA A 32 0.41 -30.04 3.77
N SER A 33 -0.90 -29.97 3.55
CA SER A 33 -1.87 -30.52 4.49
C SER A 33 -3.19 -30.69 3.75
N ALA A 34 -4.07 -31.48 4.36
CA ALA A 34 -5.39 -31.72 3.79
C ALA A 34 -6.29 -32.32 4.87
N THR A 35 -7.58 -32.04 4.77
CA THR A 35 -8.57 -32.58 5.68
C THR A 35 -9.68 -33.35 4.97
N GLY A 36 -9.50 -33.69 3.69
CA GLY A 36 -10.52 -34.40 2.97
C GLY A 36 -10.04 -35.01 1.66
N ASN A 37 -10.88 -34.93 0.61
CA ASN A 37 -10.55 -35.56 -0.66
C ASN A 37 -9.55 -34.75 -1.47
N VAL A 38 -9.84 -33.46 -1.65
CA VAL A 38 -9.03 -32.61 -2.52
C VAL A 38 -7.76 -32.20 -1.79
N CYS A 39 -6.63 -32.26 -2.51
CA CYS A 39 -5.35 -31.80 -2.00
C CYS A 39 -4.67 -30.94 -3.06
N ILE A 40 -3.98 -29.89 -2.61
CA ILE A 40 -3.23 -29.03 -3.51
C ILE A 40 -1.94 -29.75 -3.87
N GLU A 41 -1.73 -29.99 -5.17
CA GLU A 41 -0.67 -30.89 -5.61
C GLU A 41 0.63 -30.16 -5.93
N GLU A 42 0.56 -28.98 -6.54
CA GLU A 42 1.78 -28.28 -6.92
C GLU A 42 1.52 -26.80 -7.10
N ILE A 43 2.46 -25.99 -6.60
CA ILE A 43 2.56 -24.58 -6.93
C ILE A 43 3.78 -24.42 -7.82
N ASP A 44 3.56 -24.00 -9.07
CA ASP A 44 4.64 -24.01 -10.06
C ASP A 44 5.79 -23.13 -9.61
N VAL A 45 7.02 -23.67 -9.72
CA VAL A 45 8.21 -22.92 -9.35
C VAL A 45 8.36 -21.69 -10.25
N ASP A 46 8.03 -21.84 -11.53
CA ASP A 46 8.10 -20.73 -12.48
C ASP A 46 6.87 -19.83 -12.40
N GLY A 47 5.90 -20.15 -11.55
CA GLY A 47 4.78 -19.27 -11.30
C GLY A 47 3.79 -19.16 -12.44
N LYS A 48 3.25 -20.30 -12.90
CA LYS A 48 2.31 -20.29 -14.01
C LYS A 48 1.02 -21.08 -13.75
N PHE A 49 0.98 -21.96 -12.75
CA PHE A 49 -0.23 -22.73 -12.51
C PHE A 49 -0.26 -23.23 -11.08
N ILE A 50 -1.45 -23.58 -10.61
CA ILE A 50 -1.67 -24.25 -9.33
C ILE A 50 -2.60 -25.42 -9.61
N ARG A 51 -2.17 -26.63 -9.23
CA ARG A 51 -2.89 -27.85 -9.58
C ARG A 51 -3.42 -28.52 -8.32
N LEU A 52 -4.67 -28.95 -8.36
CA LEU A 52 -5.31 -29.69 -7.29
C LEU A 52 -5.68 -31.08 -7.79
N LYS A 53 -5.90 -32.01 -6.86
CA LYS A 53 -6.23 -33.37 -7.23
C LYS A 53 -7.19 -33.97 -6.21
N ASN A 54 -8.09 -34.82 -6.68
CA ASN A 54 -9.06 -35.51 -5.83
C ASN A 54 -8.46 -36.88 -5.48
N THR A 55 -7.94 -37.01 -4.26
CA THR A 55 -7.33 -38.26 -3.83
C THR A 55 -8.35 -39.38 -3.70
N SER A 56 -9.56 -39.05 -3.25
CA SER A 56 -10.57 -40.07 -2.99
C SER A 56 -11.13 -40.62 -4.30
N GLU A 57 -12.00 -41.63 -4.17
CA GLU A 57 -12.71 -42.20 -5.30
C GLU A 57 -14.15 -41.70 -5.38
N GLN A 58 -14.47 -40.65 -4.63
CA GLN A 58 -15.80 -40.03 -4.65
C GLN A 58 -15.70 -38.65 -5.27
N ASP A 59 -16.62 -38.33 -6.17
CA ASP A 59 -16.62 -37.02 -6.81
C ASP A 59 -16.87 -35.93 -5.78
N GLN A 60 -16.08 -34.86 -5.84
CA GLN A 60 -16.20 -33.75 -4.91
C GLN A 60 -16.81 -32.55 -5.61
N PRO A 61 -18.01 -32.12 -5.23
CA PRO A 61 -18.51 -30.82 -5.72
C PRO A 61 -17.73 -29.68 -5.09
N MET A 62 -17.16 -28.83 -5.94
CA MET A 62 -16.32 -27.72 -5.48
C MET A 62 -16.98 -26.37 -5.74
N GLY A 63 -18.31 -26.34 -5.79
CA GLY A 63 -19.02 -25.08 -6.00
C GLY A 63 -18.93 -24.19 -4.77
N GLY A 64 -18.60 -22.91 -5.00
CA GLY A 64 -18.44 -21.97 -3.91
C GLY A 64 -17.09 -22.02 -3.22
N TRP A 65 -16.25 -22.99 -3.55
CA TRP A 65 -14.93 -23.07 -2.94
C TRP A 65 -14.05 -21.91 -3.40
N GLU A 66 -12.98 -21.67 -2.65
CA GLU A 66 -12.10 -20.55 -2.90
C GLU A 66 -10.66 -20.99 -2.76
N MET A 67 -9.76 -20.29 -3.46
CA MET A 67 -8.33 -20.59 -3.43
C MET A 67 -7.59 -19.27 -3.30
N ILE A 68 -6.91 -19.08 -2.16
CA ILE A 68 -6.25 -17.82 -1.83
C ILE A 68 -4.75 -18.04 -1.91
N ARG A 69 -4.09 -17.33 -2.83
CA ARG A 69 -2.65 -17.41 -3.03
C ARG A 69 -2.00 -16.16 -2.44
N LYS A 70 -1.09 -16.35 -1.49
CA LYS A 70 -0.49 -15.26 -0.74
C LYS A 70 1.01 -15.21 -1.01
N ILE A 71 1.45 -14.22 -1.76
CA ILE A 71 2.87 -13.93 -1.96
C ILE A 71 3.17 -12.66 -1.18
N GLY A 72 3.82 -12.80 -0.02
CA GLY A 72 4.08 -11.67 0.85
C GLY A 72 2.83 -10.99 1.33
N ASP A 73 2.63 -9.73 0.90
CA ASP A 73 1.47 -8.98 1.35
C ASP A 73 0.22 -9.30 0.54
N THR A 74 0.35 -9.49 -0.77
CA THR A 74 -0.79 -9.68 -1.65
C THR A 74 -1.39 -11.08 -1.48
N SER A 75 -2.71 -11.14 -1.47
CA SER A 75 -3.46 -12.40 -1.39
C SER A 75 -4.59 -12.34 -2.40
N VAL A 76 -4.46 -13.10 -3.49
CA VAL A 76 -5.44 -13.13 -4.57
C VAL A 76 -6.27 -14.40 -4.44
N SER A 77 -7.57 -14.29 -4.65
CA SER A 77 -8.52 -15.38 -4.41
C SER A 77 -9.22 -15.78 -5.70
N TYR A 78 -9.18 -17.08 -6.00
CA TYR A 78 -9.93 -17.64 -7.13
C TYR A 78 -11.16 -18.36 -6.57
N LYS A 79 -12.34 -17.96 -7.05
CA LYS A 79 -13.59 -18.56 -6.62
C LYS A 79 -14.08 -19.51 -7.69
N TYR A 80 -14.32 -20.77 -7.32
CA TYR A 80 -14.74 -21.77 -8.28
C TYR A 80 -16.17 -21.53 -8.72
N THR A 81 -16.49 -22.02 -9.92
CA THR A 81 -17.83 -21.87 -10.46
C THR A 81 -18.84 -22.63 -9.61
N SER A 82 -20.11 -22.25 -9.74
CA SER A 82 -21.16 -22.80 -8.89
C SER A 82 -21.44 -24.28 -9.18
N ARG A 83 -21.08 -24.76 -10.37
CA ARG A 83 -21.43 -26.12 -10.78
C ARG A 83 -20.21 -27.01 -10.96
N TYR A 84 -19.05 -26.59 -10.48
CA TYR A 84 -17.83 -27.35 -10.72
C TYR A 84 -17.81 -28.63 -9.88
N VAL A 85 -17.34 -29.72 -10.50
CA VAL A 85 -17.20 -31.01 -9.83
C VAL A 85 -15.83 -31.57 -10.21
N LEU A 86 -14.93 -31.65 -9.24
CA LEU A 86 -13.64 -32.31 -9.47
C LEU A 86 -13.85 -33.81 -9.29
N LYS A 87 -13.93 -34.53 -10.40
CA LYS A 87 -14.25 -35.94 -10.34
C LYS A 87 -13.10 -36.74 -9.74
N ALA A 88 -13.39 -37.98 -9.37
CA ALA A 88 -12.47 -38.80 -8.59
C ALA A 88 -11.18 -39.06 -9.34
N GLY A 89 -10.06 -39.04 -8.61
CA GLY A 89 -8.77 -39.33 -9.19
C GLY A 89 -8.39 -38.45 -10.36
N GLN A 90 -8.88 -37.22 -10.40
CA GLN A 90 -8.62 -36.32 -11.51
C GLN A 90 -8.22 -34.95 -10.98
N THR A 91 -7.51 -34.20 -11.81
CA THR A 91 -6.89 -32.95 -11.42
C THR A 91 -7.53 -31.76 -12.11
N VAL A 92 -7.28 -30.58 -11.54
CA VAL A 92 -7.66 -29.29 -12.13
C VAL A 92 -6.47 -28.37 -12.03
N THR A 93 -6.10 -27.76 -13.16
CA THR A 93 -4.92 -26.91 -13.23
C THR A 93 -5.37 -25.49 -13.56
N ILE A 94 -5.26 -24.59 -12.58
CA ILE A 94 -5.66 -23.20 -12.75
C ILE A 94 -4.46 -22.45 -13.32
N TRP A 95 -4.49 -22.21 -14.63
CA TRP A 95 -3.43 -21.45 -15.28
C TRP A 95 -3.67 -19.96 -15.12
N ALA A 96 -2.60 -19.19 -15.30
CA ALA A 96 -2.71 -17.74 -15.33
C ALA A 96 -3.10 -17.27 -16.73
N ALA A 97 -3.49 -16.01 -16.83
CA ALA A 97 -3.89 -15.46 -18.13
C ALA A 97 -2.71 -15.42 -19.09
N ASN A 98 -1.52 -15.10 -18.59
CA ASN A 98 -0.32 -15.02 -19.40
C ASN A 98 0.39 -16.36 -19.55
N ALA A 99 -0.21 -17.44 -19.08
CA ALA A 99 0.47 -18.74 -19.10
C ALA A 99 0.68 -19.26 -20.52
N GLY A 100 -0.23 -18.94 -21.43
CA GLY A 100 -0.14 -19.47 -22.79
C GLY A 100 -0.82 -20.79 -22.98
N VAL A 101 -1.68 -21.21 -22.05
CA VAL A 101 -2.43 -22.45 -22.15
C VAL A 101 -3.91 -22.09 -22.10
N THR A 102 -4.64 -22.44 -23.15
CA THR A 102 -6.06 -22.14 -23.20
C THR A 102 -6.82 -22.99 -22.19
N ALA A 103 -8.08 -22.62 -21.96
CA ALA A 103 -8.92 -23.28 -20.98
C ALA A 103 -9.74 -24.39 -21.64
N SER A 104 -9.66 -25.59 -21.07
CA SER A 104 -10.46 -26.73 -21.48
C SER A 104 -11.05 -27.35 -20.22
N PRO A 105 -12.12 -26.76 -19.68
CA PRO A 105 -12.72 -27.29 -18.47
C PRO A 105 -13.25 -28.70 -18.71
N PRO A 106 -13.22 -29.56 -17.69
CA PRO A 106 -12.84 -29.27 -16.30
C PRO A 106 -11.36 -29.53 -15.97
N THR A 107 -10.62 -30.14 -16.89
CA THR A 107 -9.24 -30.52 -16.57
C THR A 107 -8.34 -29.32 -16.41
N ASP A 108 -8.58 -28.23 -17.16
CA ASP A 108 -7.75 -27.05 -17.09
C ASP A 108 -8.62 -25.80 -17.10
N LEU A 109 -8.28 -24.84 -16.25
CA LEU A 109 -9.00 -23.59 -16.14
C LEU A 109 -8.01 -22.43 -16.12
N ILE A 110 -8.52 -21.22 -16.28
CA ILE A 110 -7.69 -20.02 -16.39
C ILE A 110 -8.13 -19.01 -15.33
N TRP A 111 -7.15 -18.48 -14.60
CA TRP A 111 -7.41 -17.43 -13.62
C TRP A 111 -7.72 -16.13 -14.36
N LYS A 112 -8.87 -15.54 -14.06
CA LYS A 112 -9.33 -14.35 -14.78
C LYS A 112 -8.60 -13.12 -14.27
N ASN A 113 -7.91 -12.42 -15.17
CA ASN A 113 -7.28 -11.12 -14.97
C ASN A 113 -6.04 -11.17 -14.07
N GLN A 114 -5.50 -12.35 -13.80
CA GLN A 114 -4.30 -12.49 -12.98
C GLN A 114 -3.23 -13.20 -13.79
N ASN A 115 -2.07 -12.57 -13.94
CA ASN A 115 -0.98 -13.13 -14.71
C ASN A 115 -0.03 -13.90 -13.78
N SER A 116 1.15 -14.24 -14.29
CA SER A 116 2.09 -15.04 -13.53
C SER A 116 2.50 -14.34 -12.24
N TRP A 117 2.54 -15.09 -11.13
CA TRP A 117 2.91 -14.51 -9.85
C TRP A 117 4.42 -14.34 -9.70
N GLY A 118 5.23 -15.07 -10.47
CA GLY A 118 6.67 -14.95 -10.40
C GLY A 118 7.32 -16.06 -9.62
N THR A 119 8.64 -15.97 -9.52
CA THR A 119 9.45 -16.98 -8.84
C THR A 119 10.38 -16.29 -7.84
N GLY A 120 10.97 -17.10 -6.96
CA GLY A 120 11.90 -16.62 -5.96
C GLY A 120 11.26 -16.13 -4.67
N GLU A 121 9.95 -15.92 -4.66
CA GLU A 121 9.23 -15.43 -3.50
C GLU A 121 8.45 -16.57 -2.85
N ASP A 122 8.34 -16.53 -1.53
CA ASP A 122 7.62 -17.56 -0.80
C ASP A 122 6.13 -17.49 -1.14
N VAL A 123 5.58 -18.61 -1.60
CA VAL A 123 4.17 -18.70 -1.99
C VAL A 123 3.48 -19.69 -1.07
N LYS A 124 2.27 -19.33 -0.64
CA LYS A 124 1.42 -20.22 0.14
C LYS A 124 0.00 -20.13 -0.41
N VAL A 125 -0.61 -21.27 -0.70
CA VAL A 125 -1.93 -21.34 -1.29
C VAL A 125 -2.86 -22.05 -0.32
N ILE A 126 -3.98 -21.40 0.00
CA ILE A 126 -4.97 -21.93 0.92
C ILE A 126 -6.26 -22.19 0.16
N LEU A 127 -6.87 -23.34 0.40
CA LEU A 127 -8.11 -23.75 -0.25
C LEU A 127 -9.22 -23.78 0.79
N LYS A 128 -10.33 -23.11 0.49
CA LYS A 128 -11.43 -22.95 1.44
C LYS A 128 -12.73 -23.47 0.83
N ASN A 129 -13.51 -24.16 1.66
CA ASN A 129 -14.78 -24.72 1.22
C ASN A 129 -15.85 -23.63 1.18
N SER A 130 -17.11 -24.04 0.99
CA SER A 130 -18.20 -23.08 0.92
C SER A 130 -18.44 -22.41 2.27
N GLN A 131 -18.28 -23.16 3.36
CA GLN A 131 -18.45 -22.58 4.69
C GLN A 131 -17.36 -21.55 4.98
N GLY A 132 -16.13 -21.82 4.56
CA GLY A 132 -15.00 -20.97 4.88
C GLY A 132 -13.87 -21.66 5.59
N GLU A 133 -14.01 -22.94 5.96
CA GLU A 133 -12.94 -23.67 6.59
C GLU A 133 -11.79 -23.91 5.60
N GLU A 134 -10.63 -24.25 6.14
CA GLU A 134 -9.45 -24.57 5.33
C GLU A 134 -9.38 -26.08 5.17
N VAL A 135 -9.69 -26.57 3.97
CA VAL A 135 -9.69 -28.01 3.72
C VAL A 135 -8.38 -28.51 3.13
N ALA A 136 -7.46 -27.63 2.76
CA ALA A 136 -6.17 -28.02 2.21
C ALA A 136 -5.24 -26.82 2.22
N GLN A 137 -3.94 -27.09 2.14
CA GLN A 137 -2.94 -26.04 2.06
C GLN A 137 -1.69 -26.59 1.40
N ARG A 138 -0.81 -25.67 1.01
CA ARG A 138 0.46 -26.01 0.38
C ARG A 138 1.35 -24.80 0.39
N SER A 139 2.65 -25.01 0.56
CA SER A 139 3.58 -23.90 0.69
C SER A 139 4.84 -24.19 -0.11
N THR A 140 5.62 -23.13 -0.31
CA THR A 140 6.93 -23.25 -0.95
C THR A 140 7.87 -22.16 -0.44
N VAL A 141 8.43 -22.35 0.75
CA VAL A 141 9.25 -21.33 1.40
C VAL A 141 10.70 -21.47 0.90
N PHE A 142 11.26 -20.37 0.38
CA PHE A 142 12.63 -20.36 -0.09
C PHE A 142 13.56 -19.86 1.01
N LYS A 143 14.68 -20.56 1.19
CA LYS A 143 15.74 -20.12 2.07
C LYS A 143 17.07 -20.26 1.35
N THR A 144 18.08 -19.56 1.86
CA THR A 144 19.41 -19.61 1.24
C THR A 144 20.50 -19.51 2.30
N SER B 27 -26.40 5.39 -4.18
CA SER B 27 -25.08 5.49 -4.81
C SER B 27 -24.00 5.01 -3.86
N ILE B 28 -23.15 5.94 -3.39
CA ILE B 28 -22.09 5.57 -2.47
C ILE B 28 -22.71 5.17 -1.13
N SER B 29 -22.08 4.20 -0.47
CA SER B 29 -22.60 3.68 0.79
C SER B 29 -21.43 3.24 1.64
N HIS B 30 -21.42 3.66 2.90
CA HIS B 30 -20.31 3.42 3.80
C HIS B 30 -20.74 2.52 4.94
N SER B 31 -19.75 1.88 5.57
CA SER B 31 -19.99 0.99 6.70
C SER B 31 -18.78 1.06 7.63
N ALA B 32 -19.02 0.79 8.91
CA ALA B 32 -17.95 0.87 9.89
C ALA B 32 -18.30 0.01 11.09
N SER B 33 -17.26 -0.34 11.85
CA SER B 33 -17.42 -1.10 13.08
C SER B 33 -16.16 -0.91 13.92
N ALA B 34 -16.29 -1.15 15.22
CA ALA B 34 -15.17 -0.99 16.14
C ALA B 34 -15.46 -1.76 17.41
N THR B 35 -14.45 -2.46 17.92
CA THR B 35 -14.52 -3.15 19.20
C THR B 35 -13.52 -2.57 20.19
N GLY B 36 -13.09 -1.33 19.99
CA GLY B 36 -12.10 -0.72 20.86
C GLY B 36 -11.82 0.74 20.57
N ASN B 37 -10.57 1.14 20.75
CA ASN B 37 -10.21 2.55 20.65
C ASN B 37 -9.98 2.99 19.20
N VAL B 38 -9.20 2.22 18.45
CA VAL B 38 -8.78 2.62 17.11
C VAL B 38 -9.91 2.36 16.12
N CYS B 39 -10.20 3.34 15.27
CA CYS B 39 -11.19 3.22 14.22
C CYS B 39 -10.63 3.75 12.92
N ILE B 40 -11.12 3.20 11.81
CA ILE B 40 -10.73 3.63 10.48
C ILE B 40 -11.63 4.80 10.09
N GLU B 41 -11.06 6.00 10.03
CA GLU B 41 -11.88 7.19 9.85
C GLU B 41 -12.32 7.37 8.40
N GLU B 42 -11.44 7.13 7.44
CA GLU B 42 -11.77 7.41 6.05
C GLU B 42 -11.01 6.48 5.12
N ILE B 43 -11.67 6.10 4.03
CA ILE B 43 -11.04 5.45 2.89
C ILE B 43 -11.25 6.37 1.69
N ASP B 44 -10.15 6.83 1.10
CA ASP B 44 -10.23 7.87 0.08
C ASP B 44 -10.93 7.37 -1.18
N VAL B 45 -11.81 8.21 -1.73
CA VAL B 45 -12.43 7.91 -3.01
C VAL B 45 -11.39 7.86 -4.11
N ASP B 46 -10.43 8.79 -4.08
CA ASP B 46 -9.36 8.81 -5.06
C ASP B 46 -8.46 7.60 -4.91
N GLY B 47 -8.34 7.06 -3.71
CA GLY B 47 -7.58 5.87 -3.45
C GLY B 47 -6.14 6.08 -3.00
N LYS B 48 -5.86 7.15 -2.26
CA LYS B 48 -4.50 7.50 -1.89
C LYS B 48 -4.16 7.25 -0.43
N PHE B 49 -5.13 7.28 0.47
CA PHE B 49 -4.82 7.19 1.88
C PHE B 49 -5.92 6.45 2.63
N ILE B 50 -5.53 5.87 3.76
CA ILE B 50 -6.45 5.33 4.76
C ILE B 50 -6.09 5.98 6.10
N ARG B 51 -7.08 6.59 6.75
CA ARG B 51 -6.84 7.33 7.98
C ARG B 51 -7.51 6.63 9.14
N LEU B 52 -6.72 6.35 10.18
CA LEU B 52 -7.21 5.78 11.42
C LEU B 52 -7.07 6.82 12.54
N LYS B 53 -7.92 6.69 13.56
CA LYS B 53 -7.99 7.69 14.62
C LYS B 53 -8.27 7.01 15.95
N ASN B 54 -7.64 7.52 17.01
CA ASN B 54 -7.84 7.03 18.37
C ASN B 54 -9.00 7.80 19.00
N THR B 55 -10.15 7.15 19.15
CA THR B 55 -11.29 7.80 19.76
C THR B 55 -11.10 7.98 21.26
N SER B 56 -10.39 7.06 21.90
CA SER B 56 -10.29 7.04 23.36
C SER B 56 -9.27 8.06 23.86
N GLU B 57 -9.08 8.06 25.18
CA GLU B 57 -8.09 8.92 25.83
C GLU B 57 -6.89 8.12 26.33
N GLN B 58 -6.73 6.89 25.84
CA GLN B 58 -5.62 6.03 26.23
C GLN B 58 -4.81 5.66 25.00
N ASP B 59 -3.49 5.75 25.11
CA ASP B 59 -2.61 5.43 23.99
C ASP B 59 -2.74 3.95 23.63
N GLN B 60 -2.71 3.66 22.34
CA GLN B 60 -2.84 2.30 21.85
C GLN B 60 -1.54 1.83 21.22
N PRO B 61 -0.82 0.88 21.83
CA PRO B 61 0.33 0.30 21.15
C PRO B 61 -0.11 -0.46 19.91
N MET B 62 0.44 -0.07 18.77
CA MET B 62 0.12 -0.69 17.49
C MET B 62 1.38 -1.36 16.95
N GLY B 63 1.85 -2.39 17.64
CA GLY B 63 2.96 -3.18 17.15
C GLY B 63 2.50 -4.53 16.61
N GLY B 64 2.85 -4.83 15.37
CA GLY B 64 2.41 -6.07 14.75
C GLY B 64 0.98 -6.07 14.26
N TRP B 65 0.26 -4.95 14.40
CA TRP B 65 -1.11 -4.88 13.92
C TRP B 65 -1.12 -4.83 12.39
N GLU B 66 -2.23 -5.26 11.81
CA GLU B 66 -2.35 -5.38 10.36
C GLU B 66 -3.54 -4.57 9.86
N MET B 67 -3.41 -4.10 8.62
CA MET B 67 -4.46 -3.36 7.93
C MET B 67 -4.63 -3.96 6.55
N ILE B 68 -5.71 -4.72 6.35
CA ILE B 68 -5.93 -5.48 5.13
C ILE B 68 -6.87 -4.71 4.22
N ARG B 69 -6.44 -4.49 2.98
CA ARG B 69 -7.25 -3.80 1.97
C ARG B 69 -7.75 -4.84 0.98
N LYS B 70 -9.06 -5.03 0.93
CA LYS B 70 -9.68 -6.06 0.10
C LYS B 70 -10.52 -5.39 -0.98
N ILE B 71 -9.91 -5.13 -2.14
CA ILE B 71 -10.61 -4.64 -3.32
C ILE B 71 -10.76 -5.82 -4.27
N GLY B 72 -11.98 -6.37 -4.34
CA GLY B 72 -12.23 -7.57 -5.09
C GLY B 72 -11.49 -8.77 -4.55
N ASP B 73 -10.64 -9.38 -5.37
CA ASP B 73 -9.87 -10.54 -4.94
C ASP B 73 -8.64 -10.15 -4.12
N THR B 74 -8.03 -9.01 -4.45
CA THR B 74 -6.75 -8.65 -3.86
C THR B 74 -6.88 -8.30 -2.38
N SER B 75 -5.95 -8.81 -1.58
CA SER B 75 -5.85 -8.48 -0.15
C SER B 75 -4.40 -8.06 0.13
N VAL B 76 -4.20 -6.77 0.41
CA VAL B 76 -2.88 -6.23 0.72
C VAL B 76 -2.88 -5.77 2.17
N SER B 77 -1.79 -6.05 2.88
CA SER B 77 -1.72 -5.81 4.31
C SER B 77 -0.53 -4.92 4.65
N TYR B 78 -0.73 -4.03 5.61
CA TYR B 78 0.33 -3.17 6.14
C TYR B 78 0.61 -3.58 7.58
N LYS B 79 1.85 -3.99 7.85
CA LYS B 79 2.28 -4.37 9.19
C LYS B 79 2.98 -3.19 9.84
N TYR B 80 2.48 -2.76 11.00
CA TYR B 80 2.99 -1.56 11.64
C TYR B 80 4.36 -1.82 12.26
N THR B 81 5.09 -0.72 12.46
CA THR B 81 6.35 -0.80 13.18
C THR B 81 6.11 -1.26 14.60
N SER B 82 7.10 -1.97 15.16
CA SER B 82 6.94 -2.56 16.49
C SER B 82 6.88 -1.54 17.60
N ARG B 83 7.11 -0.26 17.31
CA ARG B 83 7.14 0.77 18.33
C ARG B 83 6.07 1.83 18.17
N TYR B 84 5.17 1.71 17.19
CA TYR B 84 4.20 2.77 16.94
C TYR B 84 3.13 2.79 18.01
N VAL B 85 2.76 3.99 18.44
CA VAL B 85 1.71 4.19 19.43
C VAL B 85 0.81 5.31 18.94
N LEU B 86 -0.44 4.98 18.62
CA LEU B 86 -1.41 6.00 18.22
C LEU B 86 -1.85 6.74 19.47
N LYS B 87 -1.32 7.94 19.66
CA LYS B 87 -1.53 8.69 20.89
C LYS B 87 -3.01 9.10 21.02
N ALA B 88 -3.33 9.68 22.18
CA ALA B 88 -4.71 10.01 22.50
C ALA B 88 -5.28 11.05 21.56
N GLY B 89 -6.44 10.74 20.98
CA GLY B 89 -7.13 11.63 20.06
C GLY B 89 -6.30 12.10 18.89
N GLN B 90 -5.54 11.19 18.28
CA GLN B 90 -4.67 11.54 17.17
C GLN B 90 -4.90 10.57 16.03
N THR B 91 -4.51 10.99 14.82
CA THR B 91 -4.77 10.23 13.61
C THR B 91 -3.47 9.76 12.99
N VAL B 92 -3.55 8.67 12.22
CA VAL B 92 -2.45 8.16 11.42
C VAL B 92 -2.97 7.93 10.01
N THR B 93 -2.23 8.40 9.01
CA THR B 93 -2.64 8.32 7.62
C THR B 93 -1.63 7.50 6.84
N ILE B 94 -2.08 6.37 6.29
CA ILE B 94 -1.22 5.48 5.51
C ILE B 94 -1.30 5.91 4.05
N TRP B 95 -0.25 6.55 3.56
CA TRP B 95 -0.23 7.06 2.19
C TRP B 95 0.36 6.03 1.24
N ALA B 96 -0.21 5.95 0.05
CA ALA B 96 0.39 5.14 -1.01
C ALA B 96 1.70 5.77 -1.47
N ALA B 97 2.58 4.94 -2.03
CA ALA B 97 3.91 5.43 -2.39
C ALA B 97 3.85 6.48 -3.48
N ASN B 98 3.00 6.28 -4.48
CA ASN B 98 2.91 7.22 -5.60
C ASN B 98 2.10 8.46 -5.28
N ALA B 99 1.45 8.52 -4.12
CA ALA B 99 0.59 9.65 -3.80
C ALA B 99 1.39 10.95 -3.75
N GLY B 100 2.61 10.91 -3.21
CA GLY B 100 3.51 12.04 -3.17
C GLY B 100 3.89 12.47 -1.77
N VAL B 101 2.97 12.36 -0.81
CA VAL B 101 3.24 12.82 0.54
C VAL B 101 4.41 12.04 1.13
N THR B 102 5.44 12.77 1.55
CA THR B 102 6.61 12.15 2.16
C THR B 102 6.31 11.75 3.60
N ALA B 103 7.07 10.79 4.10
CA ALA B 103 6.81 10.22 5.41
C ALA B 103 7.12 11.23 6.51
N SER B 104 6.13 11.50 7.37
CA SER B 104 6.30 12.35 8.55
C SER B 104 5.68 11.65 9.74
N PRO B 105 6.35 10.66 10.31
CA PRO B 105 5.86 10.03 11.53
C PRO B 105 5.77 11.05 12.65
N PRO B 106 4.74 10.98 13.50
CA PRO B 106 3.70 9.93 13.55
C PRO B 106 2.45 10.20 12.72
N THR B 107 2.22 11.45 12.31
CA THR B 107 0.95 11.82 11.71
C THR B 107 0.74 11.14 10.36
N ASP B 108 1.78 11.04 9.54
CA ASP B 108 1.66 10.49 8.20
C ASP B 108 2.70 9.41 7.98
N LEU B 109 2.22 8.23 7.57
CA LEU B 109 3.06 7.10 7.23
C LEU B 109 2.83 6.71 5.78
N ILE B 110 3.79 5.99 5.20
CA ILE B 110 3.72 5.61 3.80
C ILE B 110 3.65 4.09 3.69
N TRP B 111 2.92 3.62 2.69
CA TRP B 111 2.74 2.20 2.44
C TRP B 111 3.79 1.76 1.43
N LYS B 112 4.75 0.97 1.89
CA LYS B 112 5.91 0.65 1.06
C LYS B 112 5.51 -0.27 -0.09
N ASN B 113 5.85 0.13 -1.31
CA ASN B 113 5.71 -0.68 -2.52
C ASN B 113 4.25 -0.96 -2.86
N GLN B 114 3.34 -0.06 -2.51
CA GLN B 114 1.94 -0.17 -2.86
C GLN B 114 1.43 1.20 -3.29
N ASN B 115 1.00 1.30 -4.55
CA ASN B 115 0.50 2.55 -5.08
C ASN B 115 -1.02 2.63 -4.93
N SER B 116 -1.61 3.69 -5.46
CA SER B 116 -3.02 3.98 -5.23
C SER B 116 -3.90 2.83 -5.67
N TRP B 117 -5.02 2.65 -4.95
CA TRP B 117 -5.95 1.56 -5.25
C TRP B 117 -6.78 1.83 -6.49
N GLY B 118 -7.11 3.09 -6.74
CA GLY B 118 -8.01 3.43 -7.82
C GLY B 118 -9.44 3.67 -7.33
N THR B 119 -10.22 4.32 -8.20
CA THR B 119 -11.59 4.71 -7.85
C THR B 119 -12.60 3.78 -8.52
N GLY B 120 -13.82 3.81 -7.99
CA GLY B 120 -14.94 3.08 -8.57
C GLY B 120 -15.09 1.64 -8.09
N GLU B 121 -14.19 1.15 -7.25
CA GLU B 121 -14.20 -0.23 -6.80
C GLU B 121 -14.53 -0.29 -5.31
N ASP B 122 -15.31 -1.28 -4.92
CA ASP B 122 -15.68 -1.45 -3.52
C ASP B 122 -14.44 -1.78 -2.69
N VAL B 123 -14.22 -0.98 -1.65
CA VAL B 123 -13.06 -1.13 -0.77
C VAL B 123 -13.53 -1.60 0.60
N LYS B 124 -12.77 -2.50 1.20
CA LYS B 124 -13.02 -2.93 2.58
C LYS B 124 -11.68 -3.03 3.29
N VAL B 125 -11.59 -2.42 4.48
CA VAL B 125 -10.38 -2.42 5.28
C VAL B 125 -10.69 -3.01 6.64
N ILE B 126 -9.92 -4.02 7.03
CA ILE B 126 -10.10 -4.72 8.29
C ILE B 126 -8.83 -4.57 9.11
N LEU B 127 -8.95 -3.91 10.26
CA LEU B 127 -7.81 -3.71 11.16
C LEU B 127 -7.75 -4.86 12.16
N LYS B 128 -6.58 -5.49 12.28
CA LYS B 128 -6.38 -6.64 13.13
C LYS B 128 -5.26 -6.36 14.13
N ASN B 129 -5.45 -6.81 15.37
CA ASN B 129 -4.49 -6.55 16.43
C ASN B 129 -3.34 -7.55 16.39
N SER B 130 -2.54 -7.58 17.45
CA SER B 130 -1.40 -8.49 17.52
C SER B 130 -1.85 -9.95 17.57
N GLN B 131 -2.98 -10.21 18.22
CA GLN B 131 -3.49 -11.58 18.35
C GLN B 131 -4.29 -12.04 17.14
N GLY B 132 -4.34 -11.23 16.08
CA GLY B 132 -5.10 -11.58 14.90
C GLY B 132 -6.58 -11.35 15.01
N GLU B 133 -7.04 -10.61 16.02
CA GLU B 133 -8.46 -10.34 16.23
C GLU B 133 -8.82 -9.02 15.57
N GLU B 134 -9.81 -9.05 14.70
CA GLU B 134 -10.28 -7.85 14.03
C GLU B 134 -10.89 -6.89 15.04
N VAL B 135 -10.37 -5.66 15.08
CA VAL B 135 -10.86 -4.65 16.01
C VAL B 135 -11.58 -3.50 15.32
N ALA B 136 -11.57 -3.46 13.98
CA ALA B 136 -12.25 -2.40 13.25
C ALA B 136 -12.47 -2.85 11.81
N GLN B 137 -13.51 -2.30 11.19
CA GLN B 137 -13.79 -2.55 9.80
C GLN B 137 -14.35 -1.30 9.16
N ARG B 138 -14.31 -1.25 7.83
CA ARG B 138 -14.83 -0.13 7.07
C ARG B 138 -15.04 -0.59 5.63
N SER B 139 -16.05 -0.02 4.98
CA SER B 139 -16.40 -0.39 3.61
C SER B 139 -16.87 0.83 2.84
N THR B 140 -16.92 0.68 1.52
CA THR B 140 -17.42 1.73 0.62
C THR B 140 -17.98 1.01 -0.61
N VAL B 141 -19.27 0.69 -0.55
CA VAL B 141 -19.94 -0.10 -1.58
C VAL B 141 -20.61 0.85 -2.55
N PHE B 142 -20.02 1.04 -3.72
CA PHE B 142 -20.66 1.81 -4.78
C PHE B 142 -21.79 0.98 -5.38
N LYS B 143 -22.98 1.58 -5.48
CA LYS B 143 -24.13 0.93 -6.07
C LYS B 143 -24.69 1.79 -7.19
N THR B 144 -25.38 1.14 -8.12
CA THR B 144 -25.94 1.80 -9.29
C THR B 144 -26.89 2.94 -8.90
N SER C 27 31.98 33.90 -9.23
CA SER C 27 31.55 32.79 -10.08
C SER C 27 30.60 31.88 -9.34
N ILE C 28 29.34 32.30 -9.22
CA ILE C 28 28.37 31.55 -8.44
C ILE C 28 28.02 30.25 -9.16
N SER C 29 27.80 29.20 -8.38
CA SER C 29 27.37 27.91 -8.90
C SER C 29 26.32 27.34 -7.95
N HIS C 30 25.36 26.63 -8.53
CA HIS C 30 24.23 26.11 -7.76
C HIS C 30 24.05 24.62 -8.01
N SER C 31 23.50 23.95 -7.01
CA SER C 31 23.16 22.54 -7.10
C SER C 31 21.95 22.28 -6.23
N ALA C 32 21.06 21.39 -6.68
CA ALA C 32 19.84 21.10 -5.94
C ALA C 32 19.47 19.65 -6.16
N SER C 33 18.72 19.11 -5.20
CA SER C 33 18.24 17.74 -5.26
C SER C 33 17.02 17.61 -4.37
N ALA C 34 16.16 16.65 -4.71
CA ALA C 34 14.94 16.42 -3.95
C ALA C 34 14.47 15.01 -4.20
N THR C 35 13.93 14.37 -3.16
CA THR C 35 13.41 13.01 -3.26
C THR C 35 11.90 12.95 -3.14
N GLY C 36 11.21 14.08 -3.26
CA GLY C 36 9.76 14.06 -3.14
C GLY C 36 9.08 15.41 -3.27
N ASN C 37 8.18 15.70 -2.32
CA ASN C 37 7.31 16.87 -2.45
C ASN C 37 8.07 18.17 -2.21
N VAL C 38 8.73 18.27 -1.06
CA VAL C 38 9.33 19.53 -0.62
C VAL C 38 10.72 19.67 -1.20
N CYS C 39 11.01 20.82 -1.79
CA CYS C 39 12.32 21.13 -2.33
C CYS C 39 12.77 22.49 -1.84
N ILE C 40 14.05 22.58 -1.46
CA ILE C 40 14.62 23.88 -1.08
C ILE C 40 14.77 24.72 -2.34
N GLU C 41 14.08 25.86 -2.36
CA GLU C 41 14.02 26.65 -3.58
C GLU C 41 15.18 27.64 -3.68
N GLU C 42 15.36 28.50 -2.68
CA GLU C 42 16.39 29.52 -2.75
C GLU C 42 17.06 29.69 -1.40
N ILE C 43 18.38 29.72 -1.41
CA ILE C 43 19.18 30.15 -0.25
C ILE C 43 19.69 31.55 -0.56
N ASP C 44 19.32 32.51 0.28
CA ASP C 44 19.59 33.91 -0.03
C ASP C 44 21.08 34.18 -0.17
N VAL C 45 21.45 34.89 -1.24
CA VAL C 45 22.84 35.31 -1.41
C VAL C 45 23.20 36.35 -0.35
N ASP C 46 22.26 37.22 -0.01
CA ASP C 46 22.49 38.23 1.02
C ASP C 46 22.42 37.66 2.42
N GLY C 47 21.88 36.46 2.59
CA GLY C 47 21.98 35.77 3.86
C GLY C 47 20.90 36.09 4.86
N LYS C 48 19.64 36.15 4.42
CA LYS C 48 18.55 36.52 5.31
C LYS C 48 17.37 35.56 5.32
N PHE C 49 17.27 34.62 4.39
CA PHE C 49 16.13 33.72 4.37
C PHE C 49 16.48 32.43 3.66
N ILE C 50 15.79 31.36 4.04
CA ILE C 50 15.79 30.09 3.32
C ILE C 50 14.34 29.76 2.97
N ARG C 51 14.08 29.50 1.70
CA ARG C 51 12.72 29.28 1.21
C ARG C 51 12.60 27.87 0.65
N LEU C 52 11.53 27.17 1.02
CA LEU C 52 11.23 25.85 0.51
C LEU C 52 9.83 25.85 -0.08
N LYS C 53 9.55 24.86 -0.94
CA LYS C 53 8.30 24.82 -1.68
C LYS C 53 7.81 23.39 -1.80
N ASN C 54 6.49 23.23 -1.80
CA ASN C 54 5.83 21.93 -1.96
C ASN C 54 5.44 21.78 -3.43
N THR C 55 6.23 21.01 -4.17
CA THR C 55 5.97 20.78 -5.59
C THR C 55 5.04 19.58 -5.79
N SER C 56 3.83 19.72 -5.26
CA SER C 56 2.85 18.64 -5.30
C SER C 56 1.45 19.21 -5.19
N GLU C 57 0.46 18.33 -5.33
CA GLU C 57 -0.95 18.67 -5.12
C GLU C 57 -1.48 18.15 -3.80
N GLN C 58 -0.63 17.54 -2.98
CA GLN C 58 -1.04 17.00 -1.68
C GLN C 58 -0.31 17.75 -0.58
N ASP C 59 -1.04 18.09 0.48
CA ASP C 59 -0.46 18.82 1.60
C ASP C 59 0.54 17.95 2.34
N GLN C 60 1.75 18.47 2.55
CA GLN C 60 2.81 17.73 3.21
C GLN C 60 2.88 18.14 4.67
N PRO C 61 2.72 17.21 5.61
CA PRO C 61 2.98 17.53 7.03
C PRO C 61 4.47 17.63 7.28
N MET C 62 4.89 18.73 7.90
CA MET C 62 6.29 19.00 8.16
C MET C 62 6.57 19.12 9.65
N GLY C 63 5.88 18.30 10.44
CA GLY C 63 6.07 18.33 11.89
C GLY C 63 7.34 17.61 12.30
N GLY C 64 8.18 18.30 13.07
CA GLY C 64 9.43 17.74 13.54
C GLY C 64 10.54 17.68 12.52
N TRP C 65 10.33 18.22 11.32
CA TRP C 65 11.38 18.21 10.31
C TRP C 65 12.51 19.16 10.70
N GLU C 66 13.70 18.87 10.17
CA GLU C 66 14.91 19.62 10.50
C GLU C 66 15.54 20.18 9.23
N MET C 67 16.19 21.33 9.38
CA MET C 67 16.80 22.03 8.25
C MET C 67 18.16 22.55 8.69
N ILE C 68 19.22 21.96 8.16
CA ILE C 68 20.59 22.20 8.61
C ILE C 68 21.32 23.05 7.58
N ARG C 69 21.75 24.24 8.00
CA ARG C 69 22.56 25.12 7.18
C ARG C 69 24.02 24.98 7.61
N LYS C 70 24.88 24.54 6.69
CA LYS C 70 26.28 24.26 6.98
C LYS C 70 27.15 25.25 6.21
N ILE C 71 27.71 26.22 6.92
CA ILE C 71 28.68 27.15 6.36
C ILE C 71 30.03 26.78 6.96
N GLY C 72 30.83 26.04 6.21
CA GLY C 72 32.12 25.61 6.72
C GLY C 72 31.94 24.55 7.78
N ASP C 73 32.52 24.78 8.96
CA ASP C 73 32.46 23.80 10.03
C ASP C 73 31.10 23.77 10.71
N THR C 74 30.49 24.94 10.93
CA THR C 74 29.28 25.02 11.73
C THR C 74 28.07 24.52 10.95
N SER C 75 27.11 23.96 11.69
CA SER C 75 25.84 23.51 11.12
C SER C 75 24.73 23.89 12.09
N VAL C 76 23.77 24.69 11.62
CA VAL C 76 22.68 25.18 12.46
C VAL C 76 21.38 24.59 11.94
N SER C 77 20.49 24.19 12.86
CA SER C 77 19.30 23.43 12.52
C SER C 77 18.05 24.16 13.01
N TYR C 78 17.01 24.11 12.19
CA TYR C 78 15.68 24.62 12.56
C TYR C 78 14.71 23.44 12.56
N LYS C 79 14.18 23.10 13.73
CA LYS C 79 13.19 22.05 13.85
C LYS C 79 11.80 22.67 13.82
N TYR C 80 10.97 22.22 12.88
CA TYR C 80 9.67 22.84 12.66
C TYR C 80 8.71 22.51 13.81
N THR C 81 7.59 23.24 13.84
CA THR C 81 6.55 22.98 14.82
C THR C 81 5.94 21.61 14.60
N SER C 82 5.26 21.10 15.62
CA SER C 82 4.72 19.75 15.59
C SER C 82 3.42 19.64 14.80
N ARG C 83 2.89 20.75 14.28
CA ARG C 83 1.66 20.72 13.50
C ARG C 83 1.79 21.45 12.17
N TYR C 84 3.00 21.83 11.76
CA TYR C 84 3.16 22.61 10.54
C TYR C 84 2.86 21.77 9.31
N VAL C 85 2.16 22.37 8.35
CA VAL C 85 1.79 21.71 7.11
C VAL C 85 2.11 22.66 5.96
N LEU C 86 2.92 22.21 5.02
CA LEU C 86 3.20 22.98 3.80
C LEU C 86 2.18 22.54 2.76
N LYS C 87 1.18 23.39 2.51
CA LYS C 87 0.06 23.02 1.66
C LYS C 87 0.50 22.98 0.20
N ALA C 88 -0.43 22.58 -0.67
CA ALA C 88 -0.11 22.35 -2.07
C ALA C 88 0.34 23.63 -2.75
N GLY C 89 1.49 23.57 -3.41
CA GLY C 89 2.03 24.71 -4.13
C GLY C 89 2.34 25.91 -3.27
N GLN C 90 2.57 25.71 -1.98
CA GLN C 90 2.83 26.80 -1.05
C GLN C 90 4.28 26.77 -0.60
N THR C 91 4.83 27.95 -0.31
CA THR C 91 6.21 28.09 0.09
C THR C 91 6.31 28.49 1.56
N VAL C 92 7.47 28.22 2.15
CA VAL C 92 7.78 28.60 3.52
C VAL C 92 9.13 29.29 3.52
N THR C 93 9.19 30.51 4.05
CA THR C 93 10.40 31.33 4.05
C THR C 93 10.87 31.48 5.49
N ILE C 94 11.94 30.77 5.84
CA ILE C 94 12.52 30.85 7.18
C ILE C 94 13.30 32.15 7.27
N TRP C 95 12.82 33.08 8.08
CA TRP C 95 13.44 34.40 8.21
C TRP C 95 14.33 34.45 9.44
N ALA C 96 15.51 35.06 9.28
CA ALA C 96 16.40 35.26 10.41
C ALA C 96 15.82 36.30 11.36
N ALA C 97 16.35 36.31 12.58
CA ALA C 97 15.85 37.26 13.58
C ALA C 97 16.25 38.69 13.25
N ASN C 98 17.45 38.87 12.69
CA ASN C 98 17.95 40.19 12.35
C ASN C 98 17.35 40.75 11.06
N ALA C 99 16.61 39.93 10.31
CA ALA C 99 16.13 40.37 9.00
C ALA C 99 15.18 41.54 9.10
N GLY C 100 14.38 41.61 10.15
CA GLY C 100 13.38 42.66 10.26
C GLY C 100 12.05 42.33 9.63
N VAL C 101 11.85 41.09 9.19
CA VAL C 101 10.59 40.66 8.62
C VAL C 101 9.75 40.04 9.72
N THR C 102 8.59 40.62 9.99
CA THR C 102 7.71 40.08 11.01
C THR C 102 7.22 38.69 10.62
N ALA C 103 7.19 37.80 11.60
CA ALA C 103 6.70 36.45 11.36
C ALA C 103 5.23 36.49 10.94
N SER C 104 4.94 35.94 9.78
CA SER C 104 3.57 35.86 9.25
C SER C 104 3.27 34.42 8.87
N PRO C 105 3.04 33.55 9.86
CA PRO C 105 2.67 32.17 9.55
C PRO C 105 1.35 32.14 8.80
N PRO C 106 1.17 31.17 7.89
CA PRO C 106 2.07 30.05 7.61
C PRO C 106 3.16 30.33 6.57
N THR C 107 3.04 31.43 5.82
CA THR C 107 3.96 31.67 4.71
C THR C 107 5.38 31.93 5.21
N ASP C 108 5.54 32.83 6.18
CA ASP C 108 6.85 33.21 6.69
C ASP C 108 7.01 32.75 8.13
N LEU C 109 8.19 32.20 8.44
CA LEU C 109 8.54 31.77 9.78
C LEU C 109 9.84 32.44 10.20
N ILE C 110 10.11 32.38 11.51
CA ILE C 110 11.26 33.06 12.11
C ILE C 110 12.19 32.02 12.72
N TRP C 111 13.49 32.19 12.45
CA TRP C 111 14.53 31.32 12.99
C TRP C 111 15.05 31.97 14.28
N LYS C 112 14.58 31.50 15.42
CA LYS C 112 14.92 32.12 16.69
C LYS C 112 16.40 31.91 17.03
N ASN C 113 17.02 32.96 17.56
CA ASN C 113 18.42 32.94 17.99
C ASN C 113 19.37 32.66 16.82
N GLN C 114 18.96 33.00 15.60
CA GLN C 114 19.83 32.86 14.44
C GLN C 114 19.68 34.10 13.57
N ASN C 115 20.77 34.83 13.41
CA ASN C 115 20.78 36.05 12.62
C ASN C 115 21.24 35.74 11.20
N SER C 116 21.60 36.79 10.44
CA SER C 116 22.04 36.60 9.07
C SER C 116 23.31 35.76 9.03
N TRP C 117 23.38 34.84 8.05
CA TRP C 117 24.57 34.01 7.95
C TRP C 117 25.71 34.69 7.21
N GLY C 118 25.43 35.74 6.45
CA GLY C 118 26.48 36.50 5.80
C GLY C 118 26.69 36.09 4.35
N THR C 119 27.27 37.01 3.59
CA THR C 119 27.48 36.82 2.17
C THR C 119 28.92 36.42 1.86
N GLY C 120 29.11 35.77 0.71
CA GLY C 120 30.43 35.35 0.30
C GLY C 120 30.92 34.07 0.90
N GLU C 121 30.03 33.28 1.50
CA GLU C 121 30.39 32.04 2.18
C GLU C 121 29.62 30.87 1.57
N ASP C 122 30.31 29.73 1.44
CA ASP C 122 29.68 28.55 0.86
C ASP C 122 28.62 28.00 1.81
N VAL C 123 27.42 27.79 1.29
CA VAL C 123 26.27 27.35 2.08
C VAL C 123 25.75 26.04 1.53
N LYS C 124 25.29 25.17 2.43
CA LYS C 124 24.58 23.95 2.07
C LYS C 124 23.47 23.73 3.07
N VAL C 125 22.24 23.58 2.57
CA VAL C 125 21.06 23.39 3.40
C VAL C 125 20.46 22.02 3.08
N ILE C 126 20.30 21.19 4.10
CA ILE C 126 19.72 19.85 3.96
C ILE C 126 18.45 19.78 4.79
N LEU C 127 17.38 19.28 4.18
CA LEU C 127 16.11 19.11 4.86
C LEU C 127 15.94 17.65 5.25
N LYS C 128 15.44 17.41 6.46
CA LYS C 128 15.31 16.06 7.00
C LYS C 128 13.92 15.85 7.57
N ASN C 129 13.35 14.68 7.30
CA ASN C 129 12.02 14.34 7.81
C ASN C 129 12.13 14.00 9.30
N SER C 130 11.01 13.53 9.87
CA SER C 130 10.98 13.19 11.28
C SER C 130 11.89 12.01 11.63
N GLN C 131 12.21 11.17 10.64
CA GLN C 131 13.04 9.99 10.86
C GLN C 131 14.53 10.25 10.63
N GLY C 132 14.91 11.52 10.44
CA GLY C 132 16.31 11.82 10.20
C GLY C 132 16.81 11.42 8.83
N GLU C 133 15.94 11.37 7.83
CA GLU C 133 16.33 11.06 6.46
C GLU C 133 16.33 12.34 5.64
N GLU C 134 17.31 12.45 4.73
CA GLU C 134 17.48 13.66 3.92
C GLU C 134 16.47 13.65 2.77
N VAL C 135 15.50 14.56 2.84
CA VAL C 135 14.48 14.63 1.79
C VAL C 135 14.99 15.42 0.59
N ALA C 136 15.68 16.53 0.83
CA ALA C 136 16.16 17.38 -0.25
C ALA C 136 17.40 18.12 0.23
N GLN C 137 18.07 18.77 -0.73
CA GLN C 137 19.28 19.54 -0.43
C GLN C 137 19.38 20.70 -1.40
N ARG C 138 20.22 21.67 -1.04
CA ARG C 138 20.57 22.77 -1.93
C ARG C 138 21.91 23.33 -1.48
N SER C 139 22.70 23.80 -2.45
CA SER C 139 24.05 24.25 -2.17
C SER C 139 24.37 25.50 -2.99
N THR C 140 25.14 26.40 -2.40
CA THR C 140 25.59 27.63 -3.03
C THR C 140 27.09 27.74 -2.82
N VAL C 141 27.86 27.56 -3.88
CA VAL C 141 29.32 27.45 -3.79
C VAL C 141 29.95 28.53 -4.67
N PHE C 142 30.84 29.33 -4.07
CA PHE C 142 31.57 30.35 -4.80
C PHE C 142 32.93 29.81 -5.24
N LYS C 143 33.31 30.15 -6.46
CA LYS C 143 34.61 29.80 -7.01
C LYS C 143 35.28 31.05 -7.57
N THR C 144 36.60 30.99 -7.68
CA THR C 144 37.37 32.08 -8.27
C THR C 144 37.98 31.66 -9.59
N SER D 27 10.11 8.11 -5.10
CA SER D 27 9.13 8.57 -6.07
C SER D 27 9.77 9.52 -7.08
N ILE D 28 9.09 10.65 -7.31
CA ILE D 28 9.61 11.65 -8.24
C ILE D 28 10.84 12.31 -7.63
N SER D 29 11.91 12.43 -8.42
CA SER D 29 13.18 12.93 -7.94
C SER D 29 13.68 14.04 -8.85
N HIS D 30 14.03 15.17 -8.26
CA HIS D 30 14.48 16.35 -9.00
C HIS D 30 15.96 16.56 -8.80
N SER D 31 16.67 16.87 -9.89
CA SER D 31 18.08 17.20 -9.84
C SER D 31 18.33 18.39 -10.75
N ALA D 32 19.08 19.36 -10.26
CA ALA D 32 19.32 20.60 -11.00
C ALA D 32 20.77 21.04 -10.83
N SER D 33 21.15 22.04 -11.61
CA SER D 33 22.50 22.58 -11.58
C SER D 33 22.50 23.95 -12.23
N ALA D 34 23.60 24.69 -12.02
CA ALA D 34 23.77 26.01 -12.60
C ALA D 34 25.22 26.47 -12.47
N THR D 35 25.83 26.90 -13.57
CA THR D 35 27.18 27.41 -13.57
C THR D 35 27.23 28.92 -13.81
N GLY D 36 26.12 29.60 -13.67
CA GLY D 36 26.06 31.02 -13.94
C GLY D 36 24.87 31.69 -13.29
N ASN D 37 24.36 32.74 -13.95
CA ASN D 37 23.31 33.57 -13.38
C ASN D 37 21.92 32.99 -13.62
N VAL D 38 21.68 32.42 -14.80
CA VAL D 38 20.37 31.91 -15.16
C VAL D 38 20.26 30.45 -14.77
N CYS D 39 19.17 30.09 -14.10
CA CYS D 39 18.91 28.72 -13.69
C CYS D 39 17.50 28.32 -14.09
N ILE D 40 17.31 27.02 -14.32
CA ILE D 40 16.02 26.48 -14.71
C ILE D 40 15.24 26.18 -13.43
N GLU D 41 14.19 26.96 -13.18
CA GLU D 41 13.49 26.85 -11.90
C GLU D 41 12.56 25.65 -11.85
N GLU D 42 11.66 25.51 -12.82
CA GLU D 42 10.60 24.51 -12.73
C GLU D 42 10.29 23.92 -14.10
N ILE D 43 10.25 22.59 -14.16
CA ILE D 43 9.65 21.86 -15.28
C ILE D 43 8.27 21.42 -14.83
N ASP D 44 7.23 21.85 -15.55
CA ASP D 44 5.86 21.55 -15.15
C ASP D 44 5.58 20.06 -15.29
N VAL D 45 5.11 19.45 -14.20
CA VAL D 45 4.69 18.05 -14.26
C VAL D 45 3.36 17.92 -14.98
N ASP D 46 2.61 19.01 -15.11
CA ASP D 46 1.39 18.98 -15.90
C ASP D 46 1.71 18.84 -17.38
N GLY D 47 2.76 19.52 -17.85
CA GLY D 47 3.22 19.35 -19.21
C GLY D 47 2.98 20.55 -20.10
N LYS D 48 2.98 21.76 -19.53
CA LYS D 48 2.58 22.93 -20.28
C LYS D 48 3.57 24.10 -20.27
N PHE D 49 4.57 24.10 -19.40
CA PHE D 49 5.51 25.23 -19.39
C PHE D 49 6.83 24.81 -18.77
N ILE D 50 7.88 25.55 -19.13
CA ILE D 50 9.18 25.49 -18.49
C ILE D 50 9.56 26.91 -18.10
N ARG D 51 9.98 27.09 -16.85
CA ARG D 51 10.26 28.42 -16.31
C ARG D 51 11.73 28.55 -15.93
N LEU D 52 12.29 29.73 -16.18
CA LEU D 52 13.67 30.03 -15.83
C LEU D 52 13.70 31.29 -14.97
N LYS D 53 14.84 31.52 -14.31
CA LYS D 53 15.00 32.68 -13.46
C LYS D 53 16.46 33.11 -13.46
N ASN D 54 16.68 34.40 -13.21
CA ASN D 54 18.02 34.98 -13.10
C ASN D 54 18.29 35.27 -11.64
N THR D 55 19.17 34.47 -11.03
CA THR D 55 19.48 34.59 -9.61
C THR D 55 20.79 35.36 -9.41
N SER D 56 20.77 36.64 -9.78
CA SER D 56 21.94 37.49 -9.67
C SER D 56 21.51 38.95 -9.72
N GLU D 57 22.45 39.83 -9.41
CA GLU D 57 22.25 41.27 -9.53
C GLU D 57 22.63 41.80 -10.91
N GLN D 58 23.00 40.93 -11.83
CA GLN D 58 23.41 41.34 -13.18
C GLN D 58 22.42 40.78 -14.20
N ASP D 59 22.12 41.60 -15.21
CA ASP D 59 21.25 41.17 -16.29
C ASP D 59 21.99 40.19 -17.20
N GLN D 60 21.25 39.25 -17.76
CA GLN D 60 21.82 38.22 -18.64
C GLN D 60 21.25 38.34 -20.03
N PRO D 61 22.03 38.78 -21.03
CA PRO D 61 21.58 38.67 -22.41
C PRO D 61 21.47 37.20 -22.82
N MET D 62 20.37 36.86 -23.49
CA MET D 62 20.07 35.49 -23.87
C MET D 62 19.74 35.45 -25.37
N GLY D 63 20.75 35.71 -26.19
CA GLY D 63 20.59 35.64 -27.63
C GLY D 63 21.25 34.41 -28.22
N GLY D 64 20.47 33.59 -28.92
CA GLY D 64 20.96 32.35 -29.44
C GLY D 64 20.98 31.20 -28.44
N TRP D 65 20.58 31.45 -27.20
CA TRP D 65 20.55 30.38 -26.20
C TRP D 65 19.46 29.36 -26.57
N GLU D 66 19.79 28.09 -26.40
CA GLU D 66 18.92 26.98 -26.79
C GLU D 66 18.50 26.20 -25.55
N MET D 67 17.19 26.01 -25.39
CA MET D 67 16.62 25.27 -24.27
C MET D 67 16.13 23.93 -24.81
N ILE D 68 16.83 22.86 -24.44
CA ILE D 68 16.61 21.52 -25.01
C ILE D 68 15.85 20.69 -23.99
N ARG D 69 14.77 20.04 -24.43
CA ARG D 69 13.94 19.18 -23.59
C ARG D 69 14.09 17.75 -24.10
N LYS D 70 14.78 16.91 -23.32
CA LYS D 70 15.09 15.54 -23.71
C LYS D 70 14.13 14.59 -22.99
N ILE D 71 13.15 14.06 -23.73
CA ILE D 71 12.25 13.04 -23.22
C ILE D 71 12.54 11.76 -24.01
N GLY D 72 13.32 10.87 -23.42
CA GLY D 72 13.67 9.63 -24.07
C GLY D 72 14.58 9.82 -25.28
N ASP D 73 14.13 9.35 -26.44
CA ASP D 73 14.92 9.50 -27.66
C ASP D 73 14.83 10.92 -28.21
N THR D 74 13.67 11.55 -28.08
CA THR D 74 13.37 12.79 -28.77
C THR D 74 13.72 14.00 -27.90
N SER D 75 14.47 14.94 -28.48
CA SER D 75 14.90 16.14 -27.79
C SER D 75 14.49 17.36 -28.60
N VAL D 76 13.58 18.18 -28.05
CA VAL D 76 13.06 19.35 -28.72
C VAL D 76 13.66 20.60 -28.09
N SER D 77 14.03 21.57 -28.91
CA SER D 77 14.75 22.75 -28.46
C SER D 77 14.02 24.02 -28.87
N TYR D 78 14.22 25.07 -28.08
CA TYR D 78 13.67 26.40 -28.34
C TYR D 78 14.82 27.40 -28.35
N LYS D 79 14.93 28.14 -29.46
CA LYS D 79 16.00 29.12 -29.63
C LYS D 79 15.49 30.50 -29.24
N TYR D 80 16.09 31.09 -28.22
CA TYR D 80 15.70 32.42 -27.76
C TYR D 80 15.96 33.46 -28.84
N THR D 81 15.20 34.55 -28.77
CA THR D 81 15.41 35.66 -29.69
C THR D 81 16.78 36.31 -29.43
N SER D 82 17.33 36.92 -30.47
CA SER D 82 18.66 37.52 -30.36
C SER D 82 18.66 38.82 -29.56
N ARG D 83 17.50 39.40 -29.29
CA ARG D 83 17.40 40.66 -28.57
C ARG D 83 16.82 40.50 -27.17
N TYR D 84 16.81 39.28 -26.64
CA TYR D 84 16.21 39.02 -25.33
C TYR D 84 17.23 39.25 -24.22
N VAL D 85 16.74 39.80 -23.10
CA VAL D 85 17.55 40.03 -21.91
C VAL D 85 16.72 39.60 -20.71
N LEU D 86 17.21 38.59 -19.99
CA LEU D 86 16.59 38.18 -18.73
C LEU D 86 17.19 39.05 -17.63
N LYS D 87 16.48 40.12 -17.27
CA LYS D 87 17.01 41.10 -16.34
C LYS D 87 17.18 40.51 -14.95
N ALA D 88 17.83 41.28 -14.08
CA ALA D 88 18.19 40.78 -12.76
C ALA D 88 16.95 40.45 -11.93
N GLY D 89 16.94 39.27 -11.35
CA GLY D 89 15.84 38.86 -10.47
C GLY D 89 14.50 38.79 -11.16
N GLN D 90 14.47 38.52 -12.46
CA GLN D 90 13.23 38.42 -13.21
C GLN D 90 13.16 37.06 -13.90
N THR D 91 11.94 36.60 -14.14
CA THR D 91 11.70 35.25 -14.63
C THR D 91 11.05 35.28 -16.00
N VAL D 92 11.21 34.17 -16.73
CA VAL D 92 10.59 33.97 -18.04
C VAL D 92 9.96 32.59 -18.05
N THR D 93 8.73 32.50 -18.55
CA THR D 93 7.98 31.24 -18.61
C THR D 93 7.69 30.94 -20.07
N ILE D 94 8.28 29.86 -20.58
CA ILE D 94 8.13 29.46 -21.99
C ILE D 94 6.86 28.62 -22.07
N TRP D 95 5.72 29.30 -22.24
CA TRP D 95 4.44 28.60 -22.35
C TRP D 95 4.36 27.84 -23.66
N ALA D 96 3.85 26.62 -23.61
CA ALA D 96 3.55 25.89 -24.83
C ALA D 96 2.33 26.49 -25.51
N ALA D 97 2.24 26.28 -26.82
CA ALA D 97 1.17 26.90 -27.61
C ALA D 97 -0.19 26.29 -27.28
N ASN D 98 -0.24 24.98 -27.04
CA ASN D 98 -1.52 24.31 -26.80
C ASN D 98 -2.16 24.79 -25.50
N ALA D 99 -1.37 25.25 -24.54
CA ALA D 99 -1.90 25.68 -23.25
C ALA D 99 -2.77 26.92 -23.36
N GLY D 100 -2.77 27.61 -24.50
CA GLY D 100 -3.66 28.74 -24.69
C GLY D 100 -3.34 29.93 -23.81
N VAL D 101 -2.07 30.13 -23.50
CA VAL D 101 -1.62 31.29 -22.72
C VAL D 101 -1.06 32.32 -23.69
N THR D 102 -1.72 33.47 -23.78
CA THR D 102 -1.30 34.51 -24.71
C THR D 102 0.10 35.00 -24.36
N ALA D 103 0.90 35.23 -25.40
CA ALA D 103 2.28 35.67 -25.20
C ALA D 103 2.32 37.07 -24.60
N SER D 104 3.27 37.27 -23.69
CA SER D 104 3.46 38.56 -23.02
C SER D 104 4.92 38.73 -22.67
N PRO D 105 5.76 39.06 -23.66
CA PRO D 105 7.17 39.33 -23.36
C PRO D 105 7.30 40.57 -22.51
N PRO D 106 8.32 40.64 -21.63
CA PRO D 106 9.38 39.63 -21.46
C PRO D 106 8.99 38.44 -20.57
N THR D 107 7.90 38.54 -19.83
CA THR D 107 7.59 37.53 -18.82
C THR D 107 7.19 36.20 -19.46
N ASP D 108 6.18 36.21 -20.32
CA ASP D 108 5.63 34.98 -20.89
C ASP D 108 5.93 34.91 -22.38
N LEU D 109 6.47 33.78 -22.82
CA LEU D 109 6.79 33.53 -24.22
C LEU D 109 6.18 32.20 -24.63
N ILE D 110 6.18 31.95 -25.94
CA ILE D 110 5.49 30.80 -26.52
C ILE D 110 6.49 29.95 -27.30
N TRP D 111 6.44 28.63 -27.08
CA TRP D 111 7.27 27.67 -27.78
C TRP D 111 6.54 27.29 -29.07
N LYS D 112 6.88 27.99 -30.16
CA LYS D 112 6.14 27.87 -31.41
C LYS D 112 6.20 26.45 -31.96
N ASN D 113 5.04 25.96 -32.42
CA ASN D 113 4.90 24.67 -33.09
C ASN D 113 5.31 23.49 -32.21
N GLN D 114 5.29 23.68 -30.89
CA GLN D 114 5.53 22.60 -29.94
C GLN D 114 4.50 22.71 -28.83
N ASN D 115 3.82 21.60 -28.55
CA ASN D 115 2.71 21.61 -27.62
C ASN D 115 3.07 20.88 -26.33
N SER D 116 2.06 20.39 -25.61
CA SER D 116 2.27 19.76 -24.32
C SER D 116 3.12 18.50 -24.45
N TRP D 117 4.11 18.36 -23.57
CA TRP D 117 4.92 17.15 -23.57
C TRP D 117 4.24 15.99 -22.85
N GLY D 118 3.16 16.25 -22.13
CA GLY D 118 2.48 15.20 -21.40
C GLY D 118 3.03 15.03 -20.00
N THR D 119 2.65 13.91 -19.38
CA THR D 119 3.09 13.56 -18.04
C THR D 119 3.61 12.13 -18.02
N GLY D 120 4.26 11.78 -16.92
CA GLY D 120 4.64 10.39 -16.69
C GLY D 120 5.94 9.94 -17.31
N GLU D 121 6.79 10.85 -17.76
CA GLU D 121 8.06 10.51 -18.37
C GLU D 121 9.17 11.35 -17.77
N ASP D 122 10.36 10.75 -17.66
CA ASP D 122 11.52 11.48 -17.17
C ASP D 122 11.90 12.58 -18.16
N VAL D 123 12.08 13.79 -17.65
CA VAL D 123 12.38 14.96 -18.46
C VAL D 123 13.71 15.54 -18.02
N LYS D 124 14.47 16.08 -18.98
CA LYS D 124 15.72 16.77 -18.70
C LYS D 124 15.82 17.98 -19.61
N VAL D 125 15.90 19.17 -19.03
CA VAL D 125 16.04 20.41 -19.77
C VAL D 125 17.45 20.94 -19.55
N ILE D 126 18.19 21.10 -20.65
CA ILE D 126 19.56 21.62 -20.62
C ILE D 126 19.58 22.96 -21.33
N LEU D 127 20.01 24.00 -20.62
CA LEU D 127 20.14 25.33 -21.19
C LEU D 127 21.56 25.51 -21.74
N LYS D 128 21.64 25.96 -22.99
CA LYS D 128 22.92 26.16 -23.66
C LYS D 128 23.14 27.65 -23.92
N ASN D 129 24.34 28.13 -23.62
CA ASN D 129 24.68 29.50 -23.95
C ASN D 129 24.91 29.63 -25.46
N SER D 130 25.13 30.86 -25.90
CA SER D 130 25.26 31.11 -27.34
C SER D 130 26.46 30.37 -27.93
N GLN D 131 27.53 30.20 -27.15
CA GLN D 131 28.70 29.47 -27.64
C GLN D 131 28.48 27.96 -27.66
N GLY D 132 27.40 27.47 -27.09
CA GLY D 132 27.06 26.06 -27.15
C GLY D 132 27.32 25.27 -25.88
N GLU D 133 27.78 25.91 -24.81
CA GLU D 133 28.05 25.21 -23.57
C GLU D 133 26.83 25.24 -22.65
N GLU D 134 26.79 24.27 -21.73
CA GLU D 134 25.67 24.12 -20.82
C GLU D 134 25.92 24.92 -19.55
N VAL D 135 24.96 25.76 -19.17
CA VAL D 135 25.05 26.58 -17.98
C VAL D 135 24.01 26.21 -16.93
N ALA D 136 23.11 25.28 -17.23
CA ALA D 136 22.07 24.89 -16.29
C ALA D 136 21.52 23.53 -16.72
N GLN D 137 20.80 22.90 -15.78
CA GLN D 137 20.13 21.64 -16.06
C GLN D 137 19.01 21.45 -15.05
N ARG D 138 18.11 20.52 -15.37
CA ARG D 138 16.99 20.19 -14.50
C ARG D 138 16.47 18.82 -14.89
N SER D 139 15.97 18.09 -13.89
CA SER D 139 15.44 16.76 -14.11
C SER D 139 14.16 16.56 -13.29
N THR D 140 13.35 15.62 -13.74
CA THR D 140 12.08 15.25 -13.09
C THR D 140 11.90 13.75 -13.34
N VAL D 141 12.75 12.95 -12.71
CA VAL D 141 12.77 11.51 -12.93
C VAL D 141 11.68 10.86 -12.10
N PHE D 142 10.90 9.99 -12.73
CA PHE D 142 9.90 9.18 -12.04
C PHE D 142 10.44 7.77 -11.88
N LYS D 143 10.49 7.29 -10.63
CA LYS D 143 11.02 5.97 -10.33
C LYS D 143 9.98 5.19 -9.53
N THR D 144 9.60 4.03 -10.03
CA THR D 144 8.59 3.20 -9.38
C THR D 144 9.20 1.89 -8.88
N SER E 27 -15.60 -3.82 26.11
CA SER E 27 -16.64 -3.10 26.84
C SER E 27 -17.45 -2.22 25.90
N ILE E 28 -16.75 -1.42 25.11
CA ILE E 28 -17.40 -0.48 24.20
C ILE E 28 -17.27 -0.98 22.77
N SER E 29 -18.29 -0.70 21.96
CA SER E 29 -18.31 -1.13 20.57
C SER E 29 -19.24 -0.21 19.80
N HIS E 30 -18.77 0.28 18.65
CA HIS E 30 -19.50 1.25 17.86
C HIS E 30 -19.79 0.71 16.47
N SER E 31 -20.81 1.28 15.83
CA SER E 31 -21.17 0.92 14.47
C SER E 31 -21.73 2.16 13.78
N ALA E 32 -21.52 2.23 12.47
CA ALA E 32 -21.96 3.38 11.70
C ALA E 32 -22.19 2.96 10.25
N SER E 33 -22.93 3.80 9.53
CA SER E 33 -23.23 3.58 8.12
C SER E 33 -23.78 4.88 7.55
N ALA E 34 -23.74 4.99 6.22
CA ALA E 34 -24.22 6.18 5.55
C ALA E 34 -24.46 5.89 4.07
N THR E 35 -25.62 6.30 3.56
CA THR E 35 -25.91 6.23 2.14
C THR E 35 -25.67 7.56 1.44
N GLY E 36 -25.25 8.59 2.18
CA GLY E 36 -24.99 9.89 1.60
C GLY E 36 -23.65 10.47 2.00
N ASN E 37 -23.46 11.76 1.73
CA ASN E 37 -22.18 12.40 2.01
C ASN E 37 -21.99 12.67 3.50
N VAL E 38 -23.03 13.13 4.18
CA VAL E 38 -22.94 13.48 5.59
C VAL E 38 -22.99 12.21 6.43
N CYS E 39 -22.20 12.18 7.49
CA CYS E 39 -22.16 11.05 8.40
C CYS E 39 -22.13 11.55 9.83
N ILE E 40 -22.61 10.71 10.75
CA ILE E 40 -22.60 11.01 12.18
C ILE E 40 -21.23 10.60 12.71
N GLU E 41 -20.35 11.59 12.90
CA GLU E 41 -18.95 11.29 13.16
C GLU E 41 -18.73 10.74 14.56
N GLU E 42 -19.34 11.36 15.57
CA GLU E 42 -19.07 10.96 16.95
C GLU E 42 -20.27 11.23 17.83
N ILE E 43 -20.51 10.33 18.78
CA ILE E 43 -21.42 10.55 19.90
C ILE E 43 -20.58 10.57 21.17
N ASP E 44 -20.76 11.62 21.97
CA ASP E 44 -19.92 11.82 23.15
C ASP E 44 -20.14 10.71 24.17
N VAL E 45 -19.05 10.09 24.62
CA VAL E 45 -19.14 9.13 25.71
C VAL E 45 -19.59 9.83 26.99
N ASP E 46 -19.02 11.00 27.26
CA ASP E 46 -19.50 11.85 28.35
C ASP E 46 -20.92 12.34 28.13
N GLY E 47 -21.42 12.25 26.90
CA GLY E 47 -22.82 12.54 26.63
C GLY E 47 -23.18 14.00 26.60
N LYS E 48 -22.57 14.77 25.71
CA LYS E 48 -22.90 16.18 25.62
C LYS E 48 -23.01 16.72 24.19
N PHE E 49 -22.53 16.00 23.18
CA PHE E 49 -22.58 16.52 21.82
C PHE E 49 -22.64 15.37 20.81
N ILE E 50 -23.09 15.71 19.61
CA ILE E 50 -23.05 14.83 18.45
C ILE E 50 -22.48 15.62 17.29
N ARG E 51 -21.45 15.09 16.64
CA ARG E 51 -20.76 15.78 15.55
C ARG E 51 -21.01 15.08 14.23
N LEU E 52 -21.31 15.85 13.20
CA LEU E 52 -21.51 15.36 11.85
C LEU E 52 -20.54 16.05 10.91
N LYS E 53 -20.18 15.35 9.82
CA LYS E 53 -19.19 15.87 8.89
C LYS E 53 -19.53 15.42 7.48
N ASN E 54 -19.30 16.31 6.51
CA ASN E 54 -19.52 16.01 5.10
C ASN E 54 -18.21 15.53 4.49
N THR E 55 -18.17 14.24 4.13
CA THR E 55 -16.97 13.68 3.52
C THR E 55 -16.79 14.12 2.07
N SER E 56 -17.87 14.49 1.40
CA SER E 56 -17.81 14.78 -0.02
C SER E 56 -17.11 16.12 -0.28
N GLU E 57 -16.82 16.36 -1.56
CA GLU E 57 -16.27 17.63 -2.01
C GLU E 57 -17.35 18.58 -2.51
N GLN E 58 -18.62 18.24 -2.31
CA GLN E 58 -19.75 19.05 -2.74
C GLN E 58 -20.57 19.44 -1.51
N ASP E 59 -20.93 20.71 -1.42
CA ASP E 59 -21.71 21.18 -0.29
C ASP E 59 -23.12 20.57 -0.32
N GLN E 60 -23.69 20.39 0.86
CA GLN E 60 -24.94 19.66 1.02
C GLN E 60 -25.95 20.49 1.82
N PRO E 61 -27.19 20.57 1.37
CA PRO E 61 -28.21 21.28 2.16
C PRO E 61 -28.65 20.45 3.36
N MET E 62 -29.18 21.16 4.36
CA MET E 62 -29.65 20.55 5.59
C MET E 62 -30.98 21.20 6.01
N GLY E 63 -31.96 21.14 5.12
CA GLY E 63 -33.26 21.75 5.35
C GLY E 63 -34.27 20.73 5.83
N GLY E 64 -34.79 20.95 7.03
CA GLY E 64 -35.75 20.02 7.60
C GLY E 64 -35.17 18.69 8.02
N TRP E 65 -33.86 18.52 7.93
CA TRP E 65 -33.24 17.25 8.32
C TRP E 65 -33.39 17.02 9.81
N GLU E 66 -33.59 15.76 10.19
CA GLU E 66 -33.92 15.39 11.56
C GLU E 66 -32.87 14.43 12.11
N MET E 67 -32.48 14.66 13.36
CA MET E 67 -31.52 13.82 14.07
C MET E 67 -32.21 13.24 15.30
N ILE E 68 -32.35 11.91 15.34
CA ILE E 68 -33.08 11.22 16.39
C ILE E 68 -32.08 10.53 17.31
N ARG E 69 -32.19 10.77 18.62
CA ARG E 69 -31.37 10.13 19.63
C ARG E 69 -32.25 9.14 20.40
N LYS E 70 -32.03 7.85 20.16
CA LYS E 70 -32.81 6.80 20.81
C LYS E 70 -31.94 6.13 21.88
N ILE E 71 -32.07 6.61 23.11
CA ILE E 71 -31.45 5.97 24.27
C ILE E 71 -32.58 5.26 25.02
N GLY E 72 -32.56 3.93 24.98
CA GLY E 72 -33.68 3.19 25.55
C GLY E 72 -34.93 3.37 24.70
N ASP E 73 -36.08 3.42 25.36
CA ASP E 73 -37.33 3.63 24.65
C ASP E 73 -37.44 5.05 24.10
N THR E 74 -36.85 6.01 24.79
CA THR E 74 -37.06 7.42 24.49
C THR E 74 -36.27 7.85 23.25
N SER E 75 -36.92 8.67 22.41
CA SER E 75 -36.31 9.16 21.18
C SER E 75 -36.57 10.66 21.08
N VAL E 76 -35.49 11.44 20.93
CA VAL E 76 -35.57 12.89 20.85
C VAL E 76 -35.08 13.33 19.48
N SER E 77 -35.60 14.45 18.99
CA SER E 77 -35.36 14.91 17.63
C SER E 77 -34.78 16.31 17.60
N TYR E 78 -34.03 16.60 16.54
CA TYR E 78 -33.50 17.92 16.25
C TYR E 78 -33.81 18.27 14.80
N LYS E 79 -34.44 19.43 14.59
CA LYS E 79 -34.80 19.88 13.26
C LYS E 79 -33.82 20.97 12.83
N TYR E 80 -33.02 20.68 11.81
CA TYR E 80 -32.06 21.65 11.31
C TYR E 80 -32.79 22.83 10.65
N THR E 81 -32.12 23.98 10.66
CA THR E 81 -32.70 25.18 10.10
C THR E 81 -32.96 25.01 8.61
N SER E 82 -34.01 25.66 8.11
CA SER E 82 -34.42 25.49 6.72
C SER E 82 -33.37 25.96 5.74
N ARG E 83 -32.40 26.77 6.18
CA ARG E 83 -31.38 27.32 5.30
C ARG E 83 -29.98 26.83 5.63
N TYR E 84 -29.81 25.92 6.58
CA TYR E 84 -28.48 25.48 6.95
C TYR E 84 -27.87 24.59 5.87
N VAL E 85 -26.56 24.72 5.68
CA VAL E 85 -25.82 23.95 4.68
C VAL E 85 -24.48 23.55 5.28
N LEU E 86 -24.17 22.25 5.22
CA LEU E 86 -22.87 21.73 5.62
C LEU E 86 -22.00 21.60 4.38
N LYS E 87 -20.84 22.25 4.40
CA LYS E 87 -20.00 22.34 3.22
C LYS E 87 -19.02 21.17 3.16
N ALA E 88 -18.18 21.15 2.12
CA ALA E 88 -17.27 20.03 1.91
C ALA E 88 -16.22 19.96 3.01
N GLY E 89 -16.03 18.77 3.57
CA GLY E 89 -15.05 18.58 4.62
C GLY E 89 -15.28 19.43 5.85
N GLN E 90 -16.54 19.77 6.13
CA GLN E 90 -16.88 20.65 7.23
C GLN E 90 -17.66 19.87 8.29
N THR E 91 -17.46 20.26 9.55
CA THR E 91 -18.06 19.59 10.70
C THR E 91 -19.06 20.51 11.37
N VAL E 92 -20.28 20.00 11.59
CA VAL E 92 -21.29 20.66 12.40
C VAL E 92 -21.43 19.86 13.68
N THR E 93 -21.43 20.54 14.82
CA THR E 93 -21.40 19.90 16.14
C THR E 93 -22.63 20.32 16.93
N ILE E 94 -23.63 19.45 16.99
CA ILE E 94 -24.81 19.72 17.79
C ILE E 94 -24.47 19.54 19.26
N TRP E 95 -24.80 20.53 20.07
CA TRP E 95 -24.45 20.53 21.49
C TRP E 95 -25.71 20.53 22.34
N ALA E 96 -25.61 19.90 23.52
CA ALA E 96 -26.65 20.02 24.52
C ALA E 96 -26.66 21.44 25.09
N ALA E 97 -27.83 21.88 25.53
CA ALA E 97 -27.95 23.24 26.05
C ALA E 97 -27.20 23.41 27.36
N ASN E 98 -27.33 22.45 28.27
CA ASN E 98 -26.68 22.54 29.58
C ASN E 98 -25.18 22.27 29.51
N ALA E 99 -24.66 21.88 28.35
CA ALA E 99 -23.25 21.50 28.26
C ALA E 99 -22.33 22.65 28.60
N GLY E 100 -22.76 23.88 28.34
CA GLY E 100 -21.97 25.07 28.62
C GLY E 100 -21.38 25.72 27.40
N VAL E 101 -21.38 25.04 26.25
CA VAL E 101 -20.89 25.64 25.02
C VAL E 101 -21.97 26.57 24.45
N THR E 102 -21.53 27.53 23.63
CA THR E 102 -22.41 28.52 23.04
C THR E 102 -22.35 28.42 21.52
N ALA E 103 -23.47 28.74 20.88
CA ALA E 103 -23.57 28.61 19.43
C ALA E 103 -22.53 29.45 18.72
N SER E 104 -21.78 28.82 17.82
CA SER E 104 -20.83 29.51 16.94
C SER E 104 -21.08 29.02 15.51
N PRO E 105 -22.19 29.44 14.90
CA PRO E 105 -22.51 28.99 13.54
C PRO E 105 -21.43 29.43 12.56
N PRO E 106 -21.10 28.59 11.57
CA PRO E 106 -21.74 27.31 11.30
C PRO E 106 -21.03 26.08 11.89
N THR E 107 -19.94 26.28 12.64
CA THR E 107 -19.16 25.15 13.11
C THR E 107 -19.72 24.52 14.38
N ASP E 108 -20.62 25.21 15.09
CA ASP E 108 -21.21 24.69 16.31
C ASP E 108 -22.66 25.15 16.40
N LEU E 109 -23.53 24.22 16.82
CA LEU E 109 -24.95 24.53 17.02
C LEU E 109 -25.38 24.01 18.39
N ILE E 110 -26.60 24.37 18.78
CA ILE E 110 -27.10 24.10 20.12
C ILE E 110 -28.48 23.45 20.02
N TRP E 111 -28.64 22.31 20.70
CA TRP E 111 -29.95 21.69 20.86
C TRP E 111 -30.78 22.49 21.86
N LYS E 112 -32.02 22.76 21.51
CA LYS E 112 -32.88 23.61 22.33
C LYS E 112 -33.69 22.78 23.31
N ASN E 113 -33.60 23.11 24.59
CA ASN E 113 -34.37 22.49 25.67
C ASN E 113 -34.05 21.00 25.85
N GLN E 114 -32.86 20.57 25.41
CA GLN E 114 -32.40 19.21 25.63
C GLN E 114 -30.97 19.24 26.14
N ASN E 115 -30.68 18.41 27.14
CA ASN E 115 -29.38 18.46 27.80
C ASN E 115 -28.61 17.16 27.65
N SER E 116 -27.61 16.97 28.51
CA SER E 116 -26.74 15.80 28.42
C SER E 116 -27.53 14.52 28.58
N TRP E 117 -27.19 13.51 27.76
CA TRP E 117 -27.86 12.23 27.88
C TRP E 117 -27.22 11.32 28.92
N GLY E 118 -25.92 11.46 29.17
CA GLY E 118 -25.24 10.69 30.19
C GLY E 118 -24.31 9.65 29.60
N THR E 119 -23.72 8.85 30.49
CA THR E 119 -22.79 7.81 30.11
C THR E 119 -23.31 6.45 30.59
N GLY E 120 -22.77 5.39 29.99
CA GLY E 120 -23.20 4.04 30.33
C GLY E 120 -24.46 3.58 29.65
N GLU E 121 -25.10 4.42 28.84
CA GLU E 121 -26.30 4.07 28.11
C GLU E 121 -25.97 3.89 26.64
N ASP E 122 -26.53 2.85 26.02
CA ASP E 122 -26.33 2.61 24.60
C ASP E 122 -27.05 3.68 23.79
N VAL E 123 -26.31 4.41 22.97
CA VAL E 123 -26.84 5.52 22.19
C VAL E 123 -26.89 5.13 20.72
N LYS E 124 -27.99 5.46 20.06
CA LYS E 124 -28.11 5.33 18.61
C LYS E 124 -28.72 6.61 18.06
N VAL E 125 -28.07 7.18 17.04
CA VAL E 125 -28.53 8.40 16.40
C VAL E 125 -28.71 8.11 14.92
N ILE E 126 -29.86 8.50 14.37
CA ILE E 126 -30.18 8.31 12.96
C ILE E 126 -30.52 9.65 12.34
N LEU E 127 -29.84 9.98 11.25
CA LEU E 127 -30.07 11.23 10.54
C LEU E 127 -31.02 10.98 9.37
N LYS E 128 -31.98 11.88 9.19
CA LYS E 128 -32.98 11.76 8.15
C LYS E 128 -32.98 13.01 7.28
N ASN E 129 -33.23 12.83 5.98
CA ASN E 129 -33.29 13.94 5.05
C ASN E 129 -34.67 14.62 5.08
N SER E 130 -34.96 15.41 4.05
CA SER E 130 -36.24 16.12 4.03
C SER E 130 -37.41 15.17 3.86
N GLN E 131 -37.21 14.09 3.10
CA GLN E 131 -38.27 13.14 2.81
C GLN E 131 -38.36 12.01 3.84
N GLY E 132 -37.57 12.05 4.90
CA GLY E 132 -37.62 11.05 5.94
C GLY E 132 -36.75 9.85 5.75
N GLU E 133 -35.96 9.80 4.67
CA GLU E 133 -35.06 8.68 4.45
C GLU E 133 -33.86 8.77 5.37
N GLU E 134 -33.52 7.66 6.00
CA GLU E 134 -32.39 7.61 6.93
C GLU E 134 -31.10 7.53 6.11
N VAL E 135 -30.43 8.68 5.97
CA VAL E 135 -29.22 8.74 5.15
C VAL E 135 -28.03 8.18 5.91
N ALA E 136 -27.94 8.43 7.22
CA ALA E 136 -26.78 8.05 8.00
C ALA E 136 -27.23 7.54 9.37
N GLN E 137 -26.35 6.79 10.02
CA GLN E 137 -26.61 6.24 11.34
C GLN E 137 -25.29 6.05 12.08
N ARG E 138 -25.40 5.90 13.40
CA ARG E 138 -24.25 5.69 14.27
C ARG E 138 -24.76 5.22 15.62
N SER E 139 -24.06 4.25 16.22
CA SER E 139 -24.46 3.71 17.50
C SER E 139 -23.23 3.42 18.35
N THR E 140 -23.42 3.51 19.67
CA THR E 140 -22.40 3.15 20.65
C THR E 140 -23.00 2.13 21.60
N VAL E 141 -22.40 0.94 21.66
CA VAL E 141 -22.95 -0.18 22.41
C VAL E 141 -21.97 -0.56 23.51
N PHE E 142 -22.44 -0.50 24.76
CA PHE E 142 -21.67 -0.96 25.92
C PHE E 142 -22.11 -2.37 26.27
N LYS E 143 -21.15 -3.28 26.40
CA LYS E 143 -21.44 -4.68 26.72
C LYS E 143 -20.49 -5.18 27.80
N THR E 144 -20.98 -6.16 28.56
CA THR E 144 -20.24 -6.86 29.62
C THR E 144 -19.19 -6.00 30.34
N SER F 27 -11.77 -37.32 9.43
CA SER F 27 -11.66 -38.44 8.51
C SER F 27 -10.21 -38.65 8.10
N ILE F 28 -9.98 -38.81 6.79
CA ILE F 28 -8.62 -38.95 6.29
C ILE F 28 -7.93 -37.59 6.32
N SER F 29 -6.67 -37.59 6.75
CA SER F 29 -5.83 -36.40 6.75
C SER F 29 -4.60 -36.66 5.90
N HIS F 30 -3.81 -35.61 5.68
CA HIS F 30 -2.60 -35.73 4.90
C HIS F 30 -1.54 -34.79 5.45
N SER F 31 -0.29 -35.07 5.10
CA SER F 31 0.84 -34.29 5.55
C SER F 31 1.99 -34.49 4.57
N ALA F 32 2.87 -33.49 4.48
CA ALA F 32 3.98 -33.56 3.56
C ALA F 32 5.04 -32.55 3.97
N SER F 33 6.30 -32.87 3.66
CA SER F 33 7.41 -31.96 3.86
C SER F 33 8.54 -32.38 2.94
N ALA F 34 9.40 -31.42 2.61
CA ALA F 34 10.52 -31.69 1.71
C ALA F 34 11.54 -30.57 1.85
N THR F 35 12.82 -30.95 1.88
CA THR F 35 13.92 -29.99 1.93
C THR F 35 14.75 -30.03 0.67
N GLY F 36 14.32 -30.73 -0.37
CA GLY F 36 15.06 -30.86 -1.60
C GLY F 36 14.13 -31.12 -2.77
N ASN F 37 14.64 -31.83 -3.79
CA ASN F 37 13.88 -32.08 -5.00
C ASN F 37 12.88 -33.22 -4.80
N VAL F 38 13.32 -34.32 -4.20
CA VAL F 38 12.49 -35.51 -4.09
C VAL F 38 11.45 -35.32 -3.00
N CYS F 39 10.19 -35.62 -3.33
CA CYS F 39 9.11 -35.57 -2.37
C CYS F 39 8.24 -36.81 -2.56
N ILE F 40 7.52 -37.17 -1.50
CA ILE F 40 6.64 -38.33 -1.52
C ILE F 40 5.24 -37.88 -1.93
N GLU F 41 4.68 -38.52 -2.95
CA GLU F 41 3.44 -38.05 -3.56
C GLU F 41 2.19 -38.78 -3.07
N GLU F 42 2.28 -40.07 -2.75
CA GLU F 42 1.09 -40.79 -2.32
C GLU F 42 1.47 -42.03 -1.55
N ILE F 43 0.74 -42.27 -0.46
CA ILE F 43 0.76 -43.54 0.28
C ILE F 43 -0.55 -44.24 -0.02
N ASP F 44 -0.48 -45.44 -0.60
CA ASP F 44 -1.69 -46.13 -1.06
C ASP F 44 -2.61 -46.44 0.12
N VAL F 45 -3.87 -46.03 0.00
CA VAL F 45 -4.86 -46.33 1.02
C VAL F 45 -5.10 -47.83 1.09
N ASP F 46 -5.11 -48.50 -0.07
CA ASP F 46 -5.26 -49.95 -0.08
C ASP F 46 -4.06 -50.63 0.57
N GLY F 47 -2.86 -50.13 0.30
CA GLY F 47 -1.67 -50.68 0.90
C GLY F 47 -0.80 -51.45 -0.07
N LYS F 48 -0.48 -50.84 -1.20
CA LYS F 48 0.27 -51.52 -2.25
C LYS F 48 1.47 -50.75 -2.80
N PHE F 49 1.55 -49.44 -2.60
CA PHE F 49 2.65 -48.69 -3.19
C PHE F 49 2.91 -47.41 -2.42
N ILE F 50 4.13 -46.89 -2.58
CA ILE F 50 4.54 -45.58 -2.10
C ILE F 50 5.26 -44.89 -3.25
N ARG F 51 4.73 -43.74 -3.68
CA ARG F 51 5.23 -43.06 -4.87
C ARG F 51 5.96 -41.77 -4.48
N LEU F 52 7.07 -41.50 -5.15
CA LEU F 52 7.83 -40.28 -4.99
C LEU F 52 7.89 -39.53 -6.31
N LYS F 53 8.50 -38.35 -6.30
CA LYS F 53 8.63 -37.54 -7.50
C LYS F 53 9.76 -36.54 -7.32
N ASN F 54 10.48 -36.27 -8.41
CA ASN F 54 11.52 -35.24 -8.44
C ASN F 54 10.86 -33.98 -8.99
N THR F 55 10.40 -33.12 -8.07
CA THR F 55 9.69 -31.91 -8.48
C THR F 55 10.58 -30.96 -9.27
N SER F 56 11.85 -30.88 -8.90
CA SER F 56 12.76 -29.93 -9.53
C SER F 56 13.29 -30.49 -10.86
N GLU F 57 13.94 -29.62 -11.62
CA GLU F 57 14.54 -30.02 -12.88
C GLU F 57 15.82 -30.82 -12.70
N GLN F 58 16.49 -30.65 -11.55
CA GLN F 58 17.74 -31.35 -11.30
C GLN F 58 17.48 -32.83 -11.08
N ASP F 59 18.17 -33.67 -11.85
CA ASP F 59 18.15 -35.11 -11.58
C ASP F 59 18.82 -35.37 -10.24
N GLN F 60 18.20 -36.20 -9.42
CA GLN F 60 18.70 -36.46 -8.07
C GLN F 60 19.33 -37.84 -8.00
N PRO F 61 20.61 -37.93 -7.63
CA PRO F 61 21.20 -39.25 -7.33
C PRO F 61 20.60 -39.80 -6.05
N MET F 62 19.98 -40.98 -6.14
CA MET F 62 19.30 -41.57 -4.99
C MET F 62 19.89 -42.93 -4.66
N GLY F 63 21.18 -42.95 -4.35
CA GLY F 63 21.88 -44.18 -4.00
C GLY F 63 22.09 -44.27 -2.51
N GLY F 64 21.66 -45.39 -1.94
CA GLY F 64 21.75 -45.61 -0.51
C GLY F 64 20.64 -44.98 0.30
N TRP F 65 19.72 -44.27 -0.34
CA TRP F 65 18.61 -43.65 0.38
C TRP F 65 17.65 -44.71 0.89
N GLU F 66 16.81 -44.32 1.86
CA GLU F 66 15.99 -45.28 2.58
C GLU F 66 14.63 -44.68 2.89
N MET F 67 13.58 -45.50 2.76
CA MET F 67 12.20 -45.12 3.06
C MET F 67 11.74 -45.92 4.27
N ILE F 68 11.63 -45.25 5.43
CA ILE F 68 11.18 -45.90 6.65
C ILE F 68 9.66 -45.78 6.72
N ARG F 69 8.97 -46.85 6.36
CA ARG F 69 7.50 -46.88 6.38
C ARG F 69 7.07 -47.31 7.78
N LYS F 70 6.66 -46.34 8.60
CA LYS F 70 6.36 -46.58 10.01
C LYS F 70 4.87 -46.76 10.19
N ILE F 71 4.44 -48.00 10.33
CA ILE F 71 3.06 -48.33 10.66
C ILE F 71 3.02 -48.74 12.12
N GLY F 72 2.38 -47.92 12.95
CA GLY F 72 2.33 -48.20 14.38
C GLY F 72 3.74 -48.27 14.95
N ASP F 73 4.09 -49.42 15.49
CA ASP F 73 5.42 -49.59 16.10
C ASP F 73 6.47 -49.91 15.04
N THR F 74 6.17 -50.83 14.13
CA THR F 74 7.17 -51.31 13.18
C THR F 74 7.55 -50.21 12.20
N SER F 75 8.80 -50.28 11.72
CA SER F 75 9.39 -49.28 10.83
C SER F 75 10.18 -50.00 9.75
N VAL F 76 9.48 -50.71 8.87
CA VAL F 76 10.14 -51.41 7.78
C VAL F 76 10.69 -50.40 6.79
N SER F 77 11.85 -50.73 6.20
CA SER F 77 12.57 -49.78 5.38
C SER F 77 13.09 -50.44 4.11
N TYR F 78 13.21 -49.64 3.06
CA TYR F 78 13.69 -50.09 1.75
C TYR F 78 14.93 -49.29 1.39
N LYS F 79 16.06 -49.97 1.24
CA LYS F 79 17.29 -49.32 0.81
C LYS F 79 17.38 -49.32 -0.71
N TYR F 80 17.78 -48.19 -1.28
CA TYR F 80 17.77 -48.03 -2.73
C TYR F 80 19.03 -48.63 -3.34
N THR F 81 19.01 -48.74 -4.68
CA THR F 81 20.15 -49.26 -5.42
C THR F 81 21.32 -48.29 -5.32
N SER F 82 22.48 -48.75 -5.81
CA SER F 82 23.69 -47.94 -5.71
C SER F 82 23.67 -46.77 -6.69
N ARG F 83 22.95 -46.91 -7.82
CA ARG F 83 23.05 -45.93 -8.88
C ARG F 83 21.70 -45.43 -9.37
N TYR F 84 20.63 -45.61 -8.60
CA TYR F 84 19.33 -45.14 -9.04
C TYR F 84 19.29 -43.61 -9.05
N VAL F 85 18.71 -43.05 -10.10
CA VAL F 85 18.61 -41.61 -10.28
C VAL F 85 17.18 -41.28 -10.67
N LEU F 86 16.56 -40.35 -9.95
CA LEU F 86 15.22 -39.88 -10.29
C LEU F 86 15.35 -38.64 -11.16
N LYS F 87 15.01 -38.78 -12.44
CA LYS F 87 15.16 -37.70 -13.40
C LYS F 87 14.10 -36.61 -13.15
N ALA F 88 14.20 -35.53 -13.93
CA ALA F 88 13.33 -34.38 -13.72
C ALA F 88 11.88 -34.75 -13.94
N GLY F 89 11.03 -34.38 -12.99
CA GLY F 89 9.60 -34.60 -13.15
C GLY F 89 9.22 -36.05 -13.35
N GLN F 90 9.98 -36.96 -12.74
CA GLN F 90 9.78 -38.38 -12.92
C GLN F 90 9.40 -39.02 -11.60
N THR F 91 8.41 -39.91 -11.65
CA THR F 91 7.89 -40.57 -10.46
C THR F 91 8.41 -42.01 -10.37
N VAL F 92 8.65 -42.45 -9.15
CA VAL F 92 9.04 -43.83 -8.86
C VAL F 92 8.06 -44.41 -7.86
N THR F 93 7.58 -45.62 -8.14
CA THR F 93 6.55 -46.26 -7.33
C THR F 93 7.10 -47.58 -6.79
N ILE F 94 7.26 -47.66 -5.46
CA ILE F 94 7.82 -48.86 -4.83
C ILE F 94 6.67 -49.82 -4.60
N TRP F 95 6.50 -50.75 -5.54
CA TRP F 95 5.39 -51.69 -5.49
C TRP F 95 5.67 -52.80 -4.48
N ALA F 96 4.60 -53.24 -3.82
CA ALA F 96 4.70 -54.38 -2.92
C ALA F 96 4.81 -55.67 -3.74
N ALA F 97 5.18 -56.75 -3.04
CA ALA F 97 5.31 -58.04 -3.71
C ALA F 97 3.95 -58.61 -4.10
N ASN F 98 2.98 -58.53 -3.18
CA ASN F 98 1.66 -59.09 -3.40
C ASN F 98 0.78 -58.21 -4.30
N ALA F 99 1.29 -57.06 -4.76
CA ALA F 99 0.48 -56.17 -5.56
C ALA F 99 0.13 -56.78 -6.91
N GLY F 100 1.07 -57.50 -7.51
CA GLY F 100 0.86 -58.11 -8.81
C GLY F 100 1.40 -57.35 -9.99
N VAL F 101 2.28 -56.38 -9.78
CA VAL F 101 2.88 -55.59 -10.84
C VAL F 101 4.35 -55.97 -10.95
N THR F 102 4.77 -56.35 -12.16
CA THR F 102 6.16 -56.68 -12.38
C THR F 102 7.01 -55.40 -12.41
N ALA F 103 8.30 -55.58 -12.14
CA ALA F 103 9.22 -54.45 -12.13
C ALA F 103 9.46 -53.94 -13.54
N SER F 104 9.43 -52.63 -13.70
CA SER F 104 9.76 -51.96 -14.97
C SER F 104 10.59 -50.73 -14.67
N PRO F 105 11.84 -50.90 -14.26
CA PRO F 105 12.66 -49.75 -13.92
C PRO F 105 12.89 -48.88 -15.14
N PRO F 106 13.05 -47.56 -14.95
CA PRO F 106 13.06 -46.88 -13.65
C PRO F 106 11.69 -46.44 -13.14
N THR F 107 10.63 -46.70 -13.91
CA THR F 107 9.31 -46.22 -13.55
C THR F 107 8.83 -46.85 -12.25
N ASP F 108 8.93 -48.17 -12.14
CA ASP F 108 8.40 -48.90 -10.99
C ASP F 108 9.47 -49.82 -10.42
N LEU F 109 9.39 -50.05 -9.11
CA LEU F 109 10.29 -50.95 -8.41
C LEU F 109 9.49 -51.78 -7.42
N ILE F 110 10.11 -52.86 -6.94
CA ILE F 110 9.45 -53.80 -6.04
C ILE F 110 10.17 -53.79 -4.70
N TRP F 111 9.40 -54.00 -3.63
CA TRP F 111 9.93 -54.06 -2.28
C TRP F 111 10.00 -55.52 -1.85
N LYS F 112 11.19 -55.97 -1.47
CA LYS F 112 11.46 -57.38 -1.22
C LYS F 112 10.70 -57.86 0.02
N ASN F 113 9.74 -58.76 -0.19
CA ASN F 113 9.04 -59.47 0.88
C ASN F 113 8.44 -58.51 1.91
N GLN F 114 7.55 -57.63 1.43
CA GLN F 114 6.88 -56.68 2.30
C GLN F 114 5.36 -56.75 2.25
N ASN F 115 4.79 -57.25 1.16
CA ASN F 115 3.34 -57.50 1.08
C ASN F 115 2.59 -56.18 1.31
N SER F 116 1.37 -56.26 1.82
CA SER F 116 0.47 -55.12 1.94
C SER F 116 0.57 -54.49 3.33
N TRP F 117 0.46 -53.16 3.38
CA TRP F 117 0.35 -52.49 4.67
C TRP F 117 -1.02 -52.73 5.30
N GLY F 118 -2.05 -52.88 4.48
CA GLY F 118 -3.41 -53.00 4.97
C GLY F 118 -4.18 -51.70 4.78
N THR F 119 -5.37 -51.68 5.37
CA THR F 119 -6.25 -50.52 5.33
C THR F 119 -6.59 -50.08 6.75
N GLY F 120 -7.03 -48.84 6.88
CA GLY F 120 -7.37 -48.31 8.19
C GLY F 120 -6.20 -48.11 9.12
N GLU F 121 -4.98 -48.21 8.63
CA GLU F 121 -3.78 -48.05 9.45
C GLU F 121 -3.16 -46.69 9.20
N ASP F 122 -2.82 -45.99 10.29
CA ASP F 122 -2.07 -44.74 10.17
C ASP F 122 -0.65 -45.04 9.69
N VAL F 123 -0.21 -44.31 8.67
CA VAL F 123 1.08 -44.58 8.05
C VAL F 123 1.94 -43.32 8.12
N LYS F 124 3.26 -43.53 8.14
CA LYS F 124 4.22 -42.45 7.97
C LYS F 124 5.42 -42.99 7.22
N VAL F 125 5.72 -42.40 6.07
CA VAL F 125 6.86 -42.82 5.25
C VAL F 125 7.86 -41.68 5.22
N ILE F 126 9.06 -41.94 5.72
CA ILE F 126 10.12 -40.94 5.84
C ILE F 126 11.25 -41.32 4.89
N LEU F 127 11.54 -40.45 3.94
CA LEU F 127 12.71 -40.62 3.10
C LEU F 127 13.96 -40.14 3.83
N LYS F 128 15.08 -40.83 3.58
CA LYS F 128 16.34 -40.51 4.21
C LYS F 128 17.44 -40.48 3.15
N ASN F 129 18.27 -39.45 3.19
CA ASN F 129 19.40 -39.39 2.27
C ASN F 129 20.52 -40.30 2.76
N SER F 130 21.59 -40.39 1.96
CA SER F 130 22.70 -41.28 2.29
C SER F 130 23.38 -40.85 3.60
N GLN F 131 23.45 -39.54 3.84
CA GLN F 131 24.05 -39.03 5.07
C GLN F 131 23.28 -39.47 6.31
N GLY F 132 22.00 -39.80 6.16
CA GLY F 132 21.15 -40.15 7.28
C GLY F 132 20.13 -39.10 7.65
N GLU F 133 20.12 -37.96 6.95
CA GLU F 133 19.18 -36.89 7.21
C GLU F 133 17.84 -37.18 6.52
N GLU F 134 16.81 -36.45 6.92
CA GLU F 134 15.47 -36.60 6.37
C GLU F 134 15.24 -35.53 5.31
N VAL F 135 14.84 -35.97 4.11
CA VAL F 135 14.57 -35.06 3.01
C VAL F 135 13.10 -35.05 2.61
N ALA F 136 12.27 -35.87 3.23
CA ALA F 136 10.86 -35.94 2.88
C ALA F 136 10.08 -36.52 4.05
N GLN F 137 8.75 -36.40 3.96
CA GLN F 137 7.84 -36.89 4.98
C GLN F 137 6.44 -36.95 4.39
N ARG F 138 5.66 -37.95 4.80
CA ARG F 138 4.26 -38.04 4.41
C ARG F 138 3.50 -38.79 5.50
N SER F 139 2.22 -38.45 5.65
CA SER F 139 1.37 -39.08 6.64
C SER F 139 -0.02 -39.30 6.04
N THR F 140 -0.74 -40.25 6.64
CA THR F 140 -2.10 -40.58 6.22
C THR F 140 -2.89 -41.01 7.45
N VAL F 141 -3.09 -40.07 8.38
CA VAL F 141 -3.73 -40.39 9.65
C VAL F 141 -5.21 -40.63 9.42
N PHE F 142 -5.67 -41.83 9.75
CA PHE F 142 -7.08 -42.19 9.66
C PHE F 142 -7.75 -42.02 11.01
N LYS F 143 -8.87 -41.29 11.04
CA LYS F 143 -9.67 -41.10 12.24
C LYS F 143 -11.13 -41.32 11.89
N THR F 144 -11.78 -42.23 12.61
CA THR F 144 -13.18 -42.53 12.37
C THR F 144 -14.07 -41.34 12.75
#